data_2X8S
#
_entry.id   2X8S
#
_cell.length_a   51.950
_cell.length_b   57.985
_cell.length_c   85.595
_cell.angle_alpha   96.14
_cell.angle_beta   91.77
_cell.angle_gamma   117.34
#
_symmetry.space_group_name_H-M   'P 1'
#
loop_
_entity.id
_entity.type
_entity.pdbx_description
1 polymer ENDO-ALPHA-1,5-L-ARABINANASE
2 branched alpha-L-arabinofuranose-(1-5)-alpha-L-arabinofuranose-(1-5)-alpha-L-arabinofuranose
3 non-polymer 'CHLORIDE ION'
4 non-polymer GLYCEROL
5 non-polymer 2-AMINO-2-HYDROXYMETHYL-PROPANE-1,3-DIOL
6 non-polymer 'CALCIUM ION'
7 non-polymer 'SODIUM ION'
8 non-polymer 'PHOSPHATE ION'
9 non-polymer (4S)-2-METHYL-2,4-PENTANEDIOL
10 water water
#
_entity_poly.entity_id   1
_entity_poly.type   'polypeptide(L)'
_entity_poly.pdbx_seq_one_letter_code
;MFNRLFRVCFLAALIMAFTLPNSVYAQKPIFKEVSVHDPSIIETNGTFYVFGSHLASAKSNDLMQWQQLTTSVSNDNPLI
PNVYEELKETFEWAQSDTLWAADVTQLADGKYYMYYNACRGDSPRSAMGVAVADNIEGPYKNKGIFLKSGMEGTSSDGTP
YDATKHPNVVAPHTFFDKDGKLWMVYGSYSGGIFILEMNPKTGFPLPGQGYGKKLLGGNHSRIEGPYVLYNPDTQYYYLY
LSYGGLDATGGYNIRVARSKKPDGPYYDAEGNPMLDVRGKGGTFFDDRSIEPYGVKLMGSYTFETENEKGTGYVSPGHNS
AYYDEKTGRSYLIFHTRFPGRGEEHEVRVHQLFMNKDGWPVAAPYRYAGETLKEVKQKDITGTYKLIQHGKDISADIKQT
INIQLNKNHTISGEMTGTWRKTGKNTADITLAGKKYNGVFLRQWDSVREKNVMTFSVLNTSGEAVWGSKL
;
_entity_poly.pdbx_strand_id   A,B
#
loop_
_chem_comp.id
_chem_comp.type
_chem_comp.name
_chem_comp.formula
AHR L-saccharide, alpha linking alpha-L-arabinofuranose 'C5 H10 O5'
CA non-polymer 'CALCIUM ION' 'Ca 2'
CL non-polymer 'CHLORIDE ION' 'Cl -1'
GOL non-polymer GLYCEROL 'C3 H8 O3'
MPD non-polymer (4S)-2-METHYL-2,4-PENTANEDIOL 'C6 H14 O2'
NA non-polymer 'SODIUM ION' 'Na 1'
PO4 non-polymer 'PHOSPHATE ION' 'O4 P -3'
TRS non-polymer 2-AMINO-2-HYDROXYMETHYL-PROPANE-1,3-DIOL 'C4 H12 N O3 1'
#
# COMPACT_ATOMS: atom_id res chain seq x y z
N LYS A 28 -46.10 19.03 9.71
CA LYS A 28 -45.11 18.05 10.17
C LYS A 28 -44.39 17.44 8.98
N PRO A 29 -43.07 17.16 9.14
CA PRO A 29 -42.25 16.55 8.10
C PRO A 29 -42.89 15.28 7.53
N ILE A 30 -42.88 15.16 6.20
CA ILE A 30 -43.47 14.00 5.53
C ILE A 30 -42.38 13.16 4.86
N PHE A 31 -42.42 11.86 5.12
CA PHE A 31 -41.47 10.94 4.49
C PHE A 31 -42.22 9.94 3.64
N LYS A 32 -41.60 9.55 2.53
CA LYS A 32 -42.13 8.48 1.72
C LYS A 32 -40.96 7.59 1.42
N GLU A 33 -41.06 6.32 1.81
CA GLU A 33 -39.91 5.42 1.80
C GLU A 33 -39.72 4.68 0.49
N VAL A 34 -38.47 4.35 0.21
CA VAL A 34 -38.13 3.50 -0.92
C VAL A 34 -37.08 2.49 -0.50
N SER A 35 -36.98 1.43 -1.29
N SER A 35 -36.96 1.45 -1.31
CA SER A 35 -35.97 0.41 -1.08
CA SER A 35 -35.99 0.40 -1.09
C SER A 35 -35.05 0.35 -2.28
C SER A 35 -35.05 0.35 -2.28
N VAL A 36 -33.82 0.82 -2.06
CA VAL A 36 -32.79 0.78 -3.09
C VAL A 36 -31.53 0.41 -2.32
N HIS A 37 -31.06 -0.82 -2.53
CA HIS A 37 -29.87 -1.30 -1.83
C HIS A 37 -28.66 -0.64 -2.46
N ASP A 38 -27.71 -0.19 -1.64
CA ASP A 38 -26.45 0.40 -2.14
C ASP A 38 -26.69 1.69 -2.95
N PRO A 39 -27.43 2.64 -2.38
CA PRO A 39 -27.87 3.79 -3.19
C PRO A 39 -26.71 4.72 -3.56
N SER A 40 -26.62 5.06 -4.84
CA SER A 40 -25.64 6.03 -5.34
C SER A 40 -26.36 7.27 -5.83
N ILE A 41 -26.20 8.36 -5.09
CA ILE A 41 -26.93 9.60 -5.33
C ILE A 41 -26.39 10.38 -6.52
N ILE A 42 -27.30 10.94 -7.29
CA ILE A 42 -26.94 11.88 -8.34
C ILE A 42 -28.01 12.96 -8.41
N GLU A 43 -27.56 14.21 -8.38
CA GLU A 43 -28.44 15.34 -8.55
C GLU A 43 -28.35 15.79 -9.99
N THR A 44 -29.51 15.97 -10.62
CA THR A 44 -29.48 16.54 -11.96
C THR A 44 -30.59 17.55 -12.11
N ASN A 45 -30.19 18.81 -12.24
CA ASN A 45 -31.11 19.91 -12.52
C ASN A 45 -32.31 19.97 -11.58
N GLY A 46 -32.05 19.80 -10.28
CA GLY A 46 -33.08 19.98 -9.28
C GLY A 46 -33.77 18.71 -8.78
N THR A 47 -33.49 17.57 -9.39
CA THR A 47 -34.05 16.31 -8.90
C THR A 47 -32.94 15.38 -8.46
N PHE A 48 -33.15 14.70 -7.34
CA PHE A 48 -32.20 13.72 -6.85
C PHE A 48 -32.63 12.33 -7.26
N TYR A 49 -31.68 11.53 -7.70
CA TYR A 49 -31.90 10.12 -7.99
C TYR A 49 -30.94 9.28 -7.17
N VAL A 50 -31.38 8.08 -6.81
CA VAL A 50 -30.44 7.04 -6.36
C VAL A 50 -30.54 5.84 -7.27
N PHE A 51 -29.38 5.31 -7.63
CA PHE A 51 -29.29 4.07 -8.39
C PHE A 51 -28.52 3.10 -7.50
N GLY A 52 -29.06 1.89 -7.34
CA GLY A 52 -28.46 0.93 -6.45
C GLY A 52 -28.20 -0.39 -7.15
N SER A 53 -28.23 -1.47 -6.36
N SER A 53 -28.21 -1.47 -6.37
CA SER A 53 -28.13 -2.81 -6.92
CA SER A 53 -28.11 -2.80 -6.96
C SER A 53 -29.46 -3.26 -7.53
C SER A 53 -29.45 -3.26 -7.53
N HIS A 54 -29.40 -4.36 -8.27
CA HIS A 54 -30.59 -4.95 -8.87
C HIS A 54 -31.32 -4.01 -9.83
N LEU A 55 -30.58 -3.07 -10.41
CA LEU A 55 -31.14 -2.09 -11.33
C LEU A 55 -32.31 -1.35 -10.70
N ALA A 56 -32.24 -1.18 -9.39
CA ALA A 56 -33.26 -0.42 -8.65
C ALA A 56 -32.91 1.06 -8.61
N SER A 57 -33.95 1.89 -8.53
CA SER A 57 -33.74 3.32 -8.53
C SER A 57 -34.94 4.03 -7.91
N ALA A 58 -34.71 5.27 -7.50
CA ALA A 58 -35.77 6.10 -6.93
C ALA A 58 -35.38 7.56 -7.11
N LYS A 59 -36.35 8.46 -6.97
CA LYS A 59 -36.09 9.89 -7.12
C LYS A 59 -36.84 10.74 -6.08
N SER A 60 -36.34 11.94 -5.87
CA SER A 60 -36.92 12.84 -4.85
C SER A 60 -36.52 14.26 -5.16
N ASN A 61 -37.39 15.21 -4.86
CA ASN A 61 -37.01 16.61 -4.97
C ASN A 61 -36.50 17.20 -3.65
N ASP A 62 -36.82 16.53 -2.54
CA ASP A 62 -36.54 17.12 -1.23
C ASP A 62 -35.73 16.23 -0.28
N LEU A 63 -35.32 15.06 -0.76
CA LEU A 63 -34.57 14.09 0.03
C LEU A 63 -35.37 13.46 1.16
N MET A 64 -36.68 13.72 1.20
CA MET A 64 -37.55 13.18 2.24
C MET A 64 -38.66 12.31 1.66
N GLN A 65 -39.30 12.79 0.59
CA GLN A 65 -40.29 12.00 -0.10
C GLN A 65 -39.66 11.41 -1.35
N TRP A 66 -39.51 10.09 -1.35
CA TRP A 66 -38.91 9.41 -2.49
C TRP A 66 -39.97 8.62 -3.24
N GLN A 67 -39.81 8.55 -4.57
CA GLN A 67 -40.67 7.73 -5.40
C GLN A 67 -39.86 6.59 -5.99
N GLN A 68 -40.32 5.36 -5.77
CA GLN A 68 -39.68 4.18 -6.35
C GLN A 68 -39.89 4.18 -7.85
N LEU A 69 -38.82 3.97 -8.61
CA LEU A 69 -38.90 3.95 -10.06
C LEU A 69 -38.75 2.54 -10.60
N THR A 70 -37.76 1.82 -10.08
CA THR A 70 -37.49 0.44 -10.48
C THR A 70 -37.01 -0.37 -9.28
N THR A 71 -37.11 -1.69 -9.35
CA THR A 71 -36.81 -2.55 -8.20
C THR A 71 -35.95 -3.79 -8.47
N SER A 72 -35.99 -4.30 -9.69
CA SER A 72 -35.27 -5.53 -9.98
C SER A 72 -34.85 -5.64 -11.44
N VAL A 73 -33.95 -6.56 -11.71
CA VAL A 73 -33.52 -6.86 -13.07
C VAL A 73 -34.55 -7.76 -13.74
N SER A 74 -35.15 -7.26 -14.81
CA SER A 74 -36.08 -8.05 -15.60
C SER A 74 -36.15 -7.43 -16.99
N ASN A 75 -36.71 -8.14 -17.95
CA ASN A 75 -36.75 -7.60 -19.30
C ASN A 75 -37.67 -6.38 -19.43
N ASP A 76 -38.48 -6.13 -18.41
CA ASP A 76 -39.38 -4.97 -18.44
C ASP A 76 -38.95 -3.82 -17.54
N ASN A 77 -37.69 -3.85 -17.06
CA ASN A 77 -37.13 -2.71 -16.36
C ASN A 77 -36.79 -1.63 -17.38
N PRO A 78 -37.40 -0.44 -17.25
CA PRO A 78 -37.28 0.58 -18.29
C PRO A 78 -35.90 1.23 -18.38
N LEU A 79 -35.06 1.06 -17.36
CA LEU A 79 -33.73 1.66 -17.40
C LEU A 79 -32.90 1.05 -18.52
N ILE A 80 -33.01 -0.27 -18.67
CA ILE A 80 -32.33 -0.99 -19.75
C ILE A 80 -33.31 -2.02 -20.32
N PRO A 81 -34.06 -1.62 -21.35
CA PRO A 81 -34.98 -2.57 -21.97
C PRO A 81 -34.27 -3.82 -22.45
N ASN A 82 -34.88 -4.81 -22.30
CA ASN A 82 -34.38 -6.11 -22.74
C ASN A 82 -32.97 -6.37 -22.20
N VAL A 83 -32.84 -6.16 -20.88
CA VAL A 83 -31.55 -6.13 -20.19
C VAL A 83 -30.73 -7.42 -20.33
N TYR A 84 -31.41 -8.56 -20.37
CA TYR A 84 -30.71 -9.85 -20.45
C TYR A 84 -30.02 -10.05 -21.80
N GLU A 85 -30.53 -9.38 -22.83
CA GLU A 85 -29.86 -9.35 -24.11
C GLU A 85 -28.82 -8.22 -24.17
N GLU A 86 -29.21 -7.04 -23.69
CA GLU A 86 -28.34 -5.87 -23.76
C GLU A 86 -27.01 -6.10 -23.05
N LEU A 87 -27.07 -6.73 -21.87
CA LEU A 87 -25.87 -6.98 -21.09
C LEU A 87 -25.55 -8.47 -21.02
N LYS A 88 -25.91 -9.20 -22.06
CA LYS A 88 -25.73 -10.64 -22.08
C LYS A 88 -24.33 -11.10 -21.66
N GLU A 89 -23.34 -10.36 -22.06
N GLU A 89 -23.27 -10.47 -22.15
CA GLU A 89 -21.98 -10.81 -21.85
CA GLU A 89 -21.91 -10.95 -21.85
C GLU A 89 -21.63 -10.75 -20.36
C GLU A 89 -21.63 -10.81 -20.34
N THR A 90 -22.20 -9.78 -19.70
CA THR A 90 -21.98 -9.60 -18.26
C THR A 90 -22.68 -10.67 -17.45
N PHE A 91 -23.93 -10.96 -17.78
CA PHE A 91 -24.64 -12.02 -17.07
C PHE A 91 -23.97 -13.38 -17.29
N GLU A 92 -23.44 -13.59 -18.48
CA GLU A 92 -22.78 -14.85 -18.80
C GLU A 92 -21.47 -14.99 -18.03
N TRP A 93 -20.68 -13.92 -18.00
CA TRP A 93 -19.41 -13.95 -17.28
C TRP A 93 -19.64 -14.15 -15.80
N ALA A 94 -20.51 -13.33 -15.22
CA ALA A 94 -20.73 -13.33 -13.77
C ALA A 94 -21.62 -14.48 -13.31
N GLN A 95 -22.22 -15.20 -14.26
CA GLN A 95 -23.12 -16.30 -13.93
C GLN A 95 -24.15 -15.86 -12.89
N SER A 96 -24.87 -14.79 -13.23
CA SER A 96 -25.86 -14.20 -12.35
C SER A 96 -27.08 -13.77 -13.18
N ASP A 97 -28.20 -13.56 -12.51
CA ASP A 97 -29.38 -12.96 -13.15
C ASP A 97 -29.68 -11.57 -12.59
N THR A 98 -28.72 -10.99 -11.87
CA THR A 98 -28.93 -9.64 -11.37
C THR A 98 -27.67 -8.80 -11.52
N LEU A 99 -27.76 -7.54 -11.11
CA LEU A 99 -26.65 -6.60 -11.19
C LEU A 99 -26.38 -6.10 -9.79
N TRP A 100 -25.11 -5.77 -9.52
CA TRP A 100 -24.71 -5.25 -8.22
C TRP A 100 -24.74 -3.71 -8.22
N ALA A 101 -24.05 -3.09 -7.26
CA ALA A 101 -24.25 -1.67 -6.97
C ALA A 101 -23.79 -0.74 -8.09
N ALA A 102 -24.75 -0.11 -8.77
CA ALA A 102 -24.43 0.78 -9.89
C ALA A 102 -23.92 2.13 -9.42
N ASP A 103 -23.31 2.87 -10.37
CA ASP A 103 -23.20 4.30 -10.23
C ASP A 103 -23.62 4.92 -11.56
N VAL A 104 -24.28 6.06 -11.49
CA VAL A 104 -24.57 6.85 -12.68
C VAL A 104 -23.93 8.22 -12.48
N THR A 105 -23.23 8.70 -13.50
CA THR A 105 -22.57 9.99 -13.45
C THR A 105 -22.76 10.69 -14.78
N GLN A 106 -23.05 11.99 -14.72
CA GLN A 106 -23.19 12.79 -15.92
C GLN A 106 -21.82 13.32 -16.35
N LEU A 107 -21.49 13.13 -17.63
CA LEU A 107 -20.23 13.64 -18.15
C LEU A 107 -20.45 14.96 -18.91
N ALA A 108 -19.38 15.52 -19.44
CA ALA A 108 -19.44 16.87 -20.01
C ALA A 108 -20.29 16.94 -21.28
N ASP A 109 -20.56 15.78 -21.89
CA ASP A 109 -21.42 15.76 -23.08
C ASP A 109 -22.90 15.87 -22.70
N GLY A 110 -23.18 15.90 -21.41
CA GLY A 110 -24.54 16.02 -20.92
C GLY A 110 -25.21 14.67 -20.74
N LYS A 111 -24.58 13.60 -21.18
CA LYS A 111 -25.15 12.28 -21.06
C LYS A 111 -24.83 11.57 -19.74
N TYR A 112 -25.65 10.58 -19.46
CA TYR A 112 -25.55 9.89 -18.19
C TYR A 112 -24.93 8.53 -18.39
N TYR A 113 -23.86 8.27 -17.64
CA TYR A 113 -23.06 7.07 -17.79
C TYR A 113 -23.29 6.15 -16.60
N MET A 114 -23.88 4.99 -16.86
CA MET A 114 -24.08 4.00 -15.82
C MET A 114 -22.96 3.00 -15.82
N TYR A 115 -22.27 2.90 -14.68
CA TYR A 115 -21.24 1.91 -14.48
C TYR A 115 -21.91 0.71 -13.84
N TYR A 116 -22.22 -0.28 -14.66
CA TYR A 116 -22.97 -1.44 -14.19
C TYR A 116 -22.00 -2.58 -13.92
N ASN A 117 -22.42 -3.53 -13.11
CA ASN A 117 -21.53 -4.60 -12.71
C ASN A 117 -22.33 -5.77 -12.18
N ALA A 118 -21.80 -6.98 -12.36
CA ALA A 118 -22.42 -8.17 -11.80
C ALA A 118 -21.37 -9.10 -11.22
N CYS A 119 -21.79 -9.87 -10.22
CA CYS A 119 -20.90 -10.80 -9.53
C CYS A 119 -21.63 -12.11 -9.23
N ARG A 120 -20.97 -13.22 -9.38
CA ARG A 120 -21.60 -14.47 -9.12
C ARG A 120 -22.07 -14.58 -7.67
N GLY A 121 -21.32 -13.99 -6.76
CA GLY A 121 -21.77 -13.82 -5.40
C GLY A 121 -21.07 -14.67 -4.37
N ASP A 122 -20.48 -15.78 -4.82
CA ASP A 122 -19.76 -16.68 -3.93
C ASP A 122 -18.26 -16.54 -4.13
N SER A 123 -17.88 -15.63 -5.01
CA SER A 123 -16.50 -15.48 -5.47
C SER A 123 -16.50 -14.22 -6.31
N PRO A 124 -15.32 -13.63 -6.56
CA PRO A 124 -15.27 -12.37 -7.31
C PRO A 124 -15.30 -12.61 -8.82
N ARG A 125 -16.19 -13.49 -9.25
CA ARG A 125 -16.39 -13.74 -10.68
C ARG A 125 -17.33 -12.65 -11.19
N SER A 126 -16.74 -11.59 -11.74
CA SER A 126 -17.47 -10.35 -11.97
C SER A 126 -17.03 -9.61 -13.22
N ALA A 127 -17.92 -8.78 -13.74
CA ALA A 127 -17.60 -7.90 -14.86
C ALA A 127 -18.19 -6.52 -14.59
N MET A 128 -17.49 -5.50 -15.06
CA MET A 128 -17.98 -4.12 -14.98
C MET A 128 -17.94 -3.51 -16.37
N GLY A 129 -19.01 -2.80 -16.73
CA GLY A 129 -19.09 -2.14 -18.02
C GLY A 129 -19.74 -0.78 -17.89
N VAL A 130 -19.88 -0.07 -19.00
CA VAL A 130 -20.58 1.21 -18.97
C VAL A 130 -21.68 1.25 -20.03
N ALA A 131 -22.81 1.82 -19.65
CA ALA A 131 -23.93 2.07 -20.57
C ALA A 131 -24.25 3.56 -20.49
N VAL A 132 -24.78 4.11 -21.58
N VAL A 132 -24.80 4.10 -21.56
CA VAL A 132 -25.00 5.55 -21.66
CA VAL A 132 -25.02 5.54 -21.65
C VAL A 132 -26.43 5.88 -22.06
C VAL A 132 -26.45 5.86 -22.04
N ALA A 133 -26.98 6.93 -21.43
CA ALA A 133 -28.34 7.38 -21.75
C ALA A 133 -28.36 8.87 -22.00
N ASP A 134 -29.27 9.32 -22.87
CA ASP A 134 -29.48 10.74 -23.08
C ASP A 134 -30.26 11.35 -21.93
N ASN A 135 -31.04 10.51 -21.25
CA ASN A 135 -31.87 10.95 -20.15
C ASN A 135 -31.68 10.08 -18.93
N ILE A 136 -31.76 10.69 -17.76
CA ILE A 136 -31.41 10.01 -16.51
C ILE A 136 -32.24 8.74 -16.27
N GLU A 137 -33.50 8.74 -16.69
CA GLU A 137 -34.36 7.58 -16.50
C GLU A 137 -34.29 6.57 -17.66
N GLY A 138 -33.29 6.75 -18.52
CA GLY A 138 -33.03 5.79 -19.58
C GLY A 138 -33.70 6.13 -20.90
N PRO A 139 -33.57 5.23 -21.89
CA PRO A 139 -32.90 3.94 -21.76
C PRO A 139 -31.38 4.05 -21.85
N TYR A 140 -30.70 3.19 -21.11
CA TYR A 140 -29.23 3.11 -21.15
C TYR A 140 -28.77 2.06 -22.16
N LYS A 141 -27.83 2.46 -23.01
CA LYS A 141 -27.33 1.62 -24.08
C LYS A 141 -25.90 1.15 -23.79
N ASN A 142 -25.71 -0.16 -23.86
CA ASN A 142 -24.42 -0.77 -23.52
C ASN A 142 -23.29 -0.31 -24.43
N LYS A 143 -22.17 0.10 -23.84
CA LYS A 143 -20.94 0.42 -24.59
C LYS A 143 -19.90 -0.69 -24.48
N GLY A 144 -20.10 -1.59 -23.52
CA GLY A 144 -19.24 -2.74 -23.37
C GLY A 144 -18.63 -2.88 -22.00
N ILE A 145 -18.17 -4.10 -21.72
CA ILE A 145 -17.42 -4.44 -20.51
C ILE A 145 -15.99 -3.91 -20.61
N PHE A 146 -15.46 -3.40 -19.50
CA PHE A 146 -14.08 -2.92 -19.50
C PHE A 146 -13.20 -3.46 -18.36
N LEU A 147 -13.80 -4.17 -17.41
CA LEU A 147 -13.04 -4.86 -16.37
C LEU A 147 -13.65 -6.23 -16.07
N LYS A 148 -12.81 -7.21 -15.81
CA LYS A 148 -13.28 -8.50 -15.29
C LYS A 148 -12.42 -8.94 -14.10
N SER A 149 -13.03 -9.71 -13.20
CA SER A 149 -12.29 -10.38 -12.12
C SER A 149 -12.75 -11.83 -12.04
N GLY A 150 -11.97 -12.68 -11.39
CA GLY A 150 -12.38 -14.07 -11.17
C GLY A 150 -12.12 -14.96 -12.36
N MET A 151 -11.34 -14.49 -13.32
CA MET A 151 -10.87 -15.36 -14.40
C MET A 151 -9.88 -16.37 -13.85
N GLU A 152 -9.69 -17.45 -14.58
CA GLU A 152 -8.78 -18.51 -14.17
C GLU A 152 -7.32 -18.16 -14.47
N GLY A 153 -7.11 -17.26 -15.43
CA GLY A 153 -5.77 -16.94 -15.88
C GLY A 153 -5.38 -15.48 -15.79
N THR A 154 -4.86 -14.93 -16.87
CA THR A 154 -4.35 -13.56 -16.89
C THR A 154 -5.43 -12.56 -16.54
N SER A 155 -5.11 -11.66 -15.61
CA SER A 155 -6.07 -10.67 -15.12
C SER A 155 -5.97 -9.39 -15.92
N SER A 156 -6.77 -8.39 -15.54
CA SER A 156 -6.74 -7.11 -16.23
C SER A 156 -5.41 -6.37 -16.11
N ASP A 157 -4.57 -6.77 -15.15
CA ASP A 157 -3.27 -6.12 -14.99
C ASP A 157 -2.09 -6.90 -15.61
N GLY A 158 -2.42 -7.96 -16.34
CA GLY A 158 -1.42 -8.73 -17.05
C GLY A 158 -0.76 -9.83 -16.23
N THR A 159 -1.14 -9.93 -14.96
CA THR A 159 -0.64 -11.01 -14.09
C THR A 159 -1.80 -11.93 -13.72
N PRO A 160 -1.49 -13.15 -13.30
CA PRO A 160 -2.58 -14.09 -12.98
C PRO A 160 -3.51 -13.54 -11.91
N TYR A 161 -4.81 -13.69 -12.12
CA TYR A 161 -5.78 -13.15 -11.18
C TYR A 161 -5.64 -13.80 -9.82
N ASP A 162 -5.55 -12.98 -8.78
CA ASP A 162 -5.36 -13.46 -7.42
C ASP A 162 -6.22 -12.60 -6.48
N ALA A 163 -7.34 -13.17 -6.03
CA ALA A 163 -8.31 -12.44 -5.23
C ALA A 163 -7.80 -11.93 -3.88
N THR A 164 -6.62 -12.35 -3.46
CA THR A 164 -6.08 -11.82 -2.21
C THR A 164 -5.48 -10.44 -2.42
N LYS A 165 -5.21 -10.09 -3.67
CA LYS A 165 -4.54 -8.83 -3.97
C LYS A 165 -5.21 -8.04 -5.10
N HIS A 166 -6.00 -8.70 -5.92
CA HIS A 166 -6.75 -8.03 -6.98
C HIS A 166 -8.20 -7.77 -6.54
N PRO A 167 -8.82 -6.73 -7.07
CA PRO A 167 -10.19 -6.42 -6.64
C PRO A 167 -11.24 -7.36 -7.21
N ASN A 168 -12.41 -7.29 -6.60
CA ASN A 168 -13.64 -7.71 -7.22
C ASN A 168 -14.13 -6.46 -7.96
N VAL A 169 -14.40 -6.58 -9.26
CA VAL A 169 -14.70 -5.41 -10.09
C VAL A 169 -16.16 -4.98 -9.98
N VAL A 170 -16.53 -4.58 -8.77
CA VAL A 170 -17.89 -4.19 -8.46
C VAL A 170 -17.89 -2.89 -7.66
N ALA A 171 -19.08 -2.32 -7.49
CA ALA A 171 -19.32 -1.16 -6.61
C ALA A 171 -18.52 0.09 -6.97
N PRO A 172 -18.68 0.58 -8.21
CA PRO A 172 -17.95 1.76 -8.67
C PRO A 172 -18.55 3.07 -8.16
N HIS A 173 -17.67 4.07 -8.07
CA HIS A 173 -18.12 5.45 -8.00
C HIS A 173 -17.25 6.25 -8.95
N THR A 174 -17.87 6.78 -10.01
CA THR A 174 -17.16 7.58 -10.99
C THR A 174 -17.41 9.05 -10.69
N PHE A 175 -16.34 9.81 -10.53
CA PHE A 175 -16.46 11.19 -10.03
C PHE A 175 -15.40 12.10 -10.62
N PHE A 176 -15.75 13.39 -10.72
CA PHE A 176 -14.78 14.40 -11.10
C PHE A 176 -14.13 14.95 -9.85
N ASP A 177 -12.82 15.18 -9.92
CA ASP A 177 -12.12 15.87 -8.83
C ASP A 177 -12.26 17.38 -8.97
N LYS A 178 -11.68 18.12 -8.03
CA LYS A 178 -11.85 19.56 -7.98
C LYS A 178 -11.32 20.25 -9.23
N ASP A 179 -10.42 19.57 -9.94
CA ASP A 179 -9.76 20.13 -11.12
C ASP A 179 -10.46 19.74 -12.42
N GLY A 180 -11.50 18.92 -12.30
CA GLY A 180 -12.24 18.48 -13.48
C GLY A 180 -11.73 17.19 -14.09
N LYS A 181 -10.83 16.52 -13.40
CA LYS A 181 -10.31 15.24 -13.86
C LYS A 181 -11.24 14.11 -13.40
N LEU A 182 -11.48 13.13 -14.28
CA LEU A 182 -12.42 12.05 -14.01
C LEU A 182 -11.74 10.80 -13.46
N TRP A 183 -12.31 10.25 -12.39
CA TRP A 183 -11.76 9.07 -11.72
C TRP A 183 -12.87 8.04 -11.48
N MET A 184 -12.51 6.79 -11.22
CA MET A 184 -13.46 5.83 -10.71
C MET A 184 -12.81 5.01 -9.60
N VAL A 185 -13.41 5.07 -8.41
N VAL A 185 -13.43 5.05 -8.43
CA VAL A 185 -13.02 4.18 -7.33
CA VAL A 185 -13.02 4.20 -7.30
C VAL A 185 -13.98 3.00 -7.32
C VAL A 185 -14.00 3.04 -7.17
N TYR A 186 -13.50 1.84 -6.88
CA TYR A 186 -14.37 0.66 -6.84
C TYR A 186 -13.79 -0.44 -5.96
N GLY A 187 -14.59 -1.47 -5.72
CA GLY A 187 -14.10 -2.65 -5.04
C GLY A 187 -15.02 -3.17 -3.95
N SER A 188 -14.86 -4.46 -3.67
CA SER A 188 -15.58 -5.12 -2.58
C SER A 188 -14.80 -6.33 -2.14
N TYR A 189 -14.43 -6.38 -0.87
CA TYR A 189 -13.72 -7.54 -0.31
C TYR A 189 -12.52 -7.88 -1.21
N SER A 190 -12.26 -9.17 -1.45
CA SER A 190 -11.14 -9.58 -2.28
C SER A 190 -9.85 -8.81 -1.97
N GLY A 191 -9.20 -8.25 -2.99
CA GLY A 191 -7.89 -7.64 -2.80
C GLY A 191 -7.88 -6.18 -2.40
N GLY A 192 -9.06 -5.56 -2.31
CA GLY A 192 -9.17 -4.21 -1.79
C GLY A 192 -9.84 -3.21 -2.71
N ILE A 193 -9.58 -1.95 -2.44
CA ILE A 193 -10.24 -0.82 -3.09
C ILE A 193 -9.25 -0.14 -4.02
N PHE A 194 -9.65 0.11 -5.25
CA PHE A 194 -8.77 0.62 -6.29
C PHE A 194 -9.35 1.85 -6.96
N ILE A 195 -8.49 2.63 -7.60
CA ILE A 195 -8.94 3.82 -8.31
C ILE A 195 -8.28 3.92 -9.68
N LEU A 196 -9.10 4.24 -10.68
CA LEU A 196 -8.66 4.37 -12.07
C LEU A 196 -8.89 5.77 -12.61
N GLU A 197 -7.95 6.26 -13.41
CA GLU A 197 -8.16 7.49 -14.16
C GLU A 197 -9.08 7.18 -15.34
N MET A 198 -10.07 8.03 -15.56
CA MET A 198 -11.09 7.77 -16.58
C MET A 198 -11.04 8.79 -17.72
N ASN A 199 -11.56 8.41 -18.86
CA ASN A 199 -11.59 9.27 -20.03
C ASN A 199 -12.85 10.06 -20.03
N PRO A 200 -12.73 11.35 -19.96
CA PRO A 200 -13.93 12.18 -19.80
C PRO A 200 -14.76 12.27 -21.08
N LYS A 201 -14.22 11.80 -22.19
CA LYS A 201 -14.96 11.80 -23.46
C LYS A 201 -15.75 10.51 -23.69
N THR A 202 -15.19 9.38 -23.24
CA THR A 202 -15.79 8.08 -23.56
C THR A 202 -16.35 7.35 -22.34
N GLY A 203 -15.88 7.73 -21.15
CA GLY A 203 -16.31 7.10 -19.92
C GLY A 203 -15.56 5.82 -19.57
N PHE A 204 -14.68 5.36 -20.45
CA PHE A 204 -13.85 4.19 -20.17
C PHE A 204 -12.59 4.62 -19.44
N PRO A 205 -11.90 3.68 -18.78
CA PRO A 205 -10.59 4.01 -18.20
C PRO A 205 -9.58 4.42 -19.28
N LEU A 206 -8.67 5.30 -18.92
CA LEU A 206 -7.51 5.55 -19.78
C LEU A 206 -6.74 4.24 -19.86
N PRO A 207 -6.14 3.94 -21.02
CA PRO A 207 -5.54 2.61 -21.21
C PRO A 207 -4.23 2.40 -20.45
N GLY A 208 -3.91 1.13 -20.18
CA GLY A 208 -2.63 0.78 -19.62
C GLY A 208 -2.54 0.77 -18.09
N GLN A 209 -3.67 0.84 -17.41
CA GLN A 209 -3.66 0.97 -15.94
C GLN A 209 -3.91 -0.33 -15.17
N GLY A 210 -4.30 -1.39 -15.87
CA GLY A 210 -4.73 -2.60 -15.18
C GLY A 210 -5.95 -2.37 -14.29
N TYR A 211 -5.83 -2.74 -13.02
CA TYR A 211 -6.90 -2.48 -12.05
C TYR A 211 -6.80 -1.08 -11.46
N GLY A 212 -5.74 -0.37 -11.80
CA GLY A 212 -5.53 0.96 -11.23
C GLY A 212 -4.69 0.94 -9.97
N LYS A 213 -4.79 2.01 -9.19
CA LYS A 213 -3.97 2.20 -8.01
C LYS A 213 -4.71 1.71 -6.79
N LYS A 214 -4.03 0.93 -5.96
CA LYS A 214 -4.63 0.44 -4.73
C LYS A 214 -4.68 1.51 -3.65
N LEU A 215 -5.83 1.66 -3.02
CA LEU A 215 -5.99 2.64 -1.96
C LEU A 215 -5.93 2.02 -0.56
N LEU A 216 -6.39 0.80 -0.47
CA LEU A 216 -6.42 0.04 0.77
C LEU A 216 -6.91 -1.38 0.53
N GLY A 217 -6.70 -2.25 1.51
CA GLY A 217 -7.33 -3.54 1.59
C GLY A 217 -6.43 -4.70 1.23
N GLY A 218 -7.02 -5.88 1.24
CA GLY A 218 -6.27 -7.08 0.87
C GLY A 218 -6.68 -8.27 1.71
N ASN A 219 -6.47 -9.47 1.17
CA ASN A 219 -6.74 -10.69 1.91
C ASN A 219 -8.20 -10.84 2.34
N HIS A 220 -9.12 -10.43 1.48
CA HIS A 220 -10.54 -10.68 1.69
C HIS A 220 -11.02 -9.97 2.95
N SER A 221 -10.61 -8.71 3.10
CA SER A 221 -11.13 -7.83 4.14
C SER A 221 -12.58 -7.48 3.86
N ARG A 222 -13.41 -7.39 4.89
CA ARG A 222 -14.79 -6.96 4.68
C ARG A 222 -14.89 -5.44 4.60
N ILE A 223 -14.46 -4.91 3.46
CA ILE A 223 -14.51 -3.49 3.16
C ILE A 223 -15.01 -3.35 1.73
N GLU A 224 -16.05 -2.54 1.51
CA GLU A 224 -16.61 -2.41 0.17
C GLU A 224 -17.32 -1.08 -0.02
N GLY A 225 -17.70 -0.79 -1.26
CA GLY A 225 -18.58 0.32 -1.55
C GLY A 225 -17.97 1.70 -1.39
N PRO A 226 -16.80 1.92 -2.02
CA PRO A 226 -16.12 3.20 -1.84
C PRO A 226 -16.90 4.34 -2.49
N TYR A 227 -16.80 5.52 -1.89
CA TYR A 227 -17.44 6.70 -2.44
C TYR A 227 -16.61 7.91 -2.06
N VAL A 228 -16.31 8.78 -3.03
CA VAL A 228 -15.47 9.94 -2.76
C VAL A 228 -16.25 11.24 -2.85
N LEU A 229 -16.17 12.07 -1.81
CA LEU A 229 -16.75 13.40 -1.86
C LEU A 229 -15.72 14.47 -1.49
N TYR A 230 -15.49 15.44 -2.38
CA TYR A 230 -14.63 16.58 -2.05
C TYR A 230 -15.39 17.62 -1.24
N ASN A 231 -14.74 18.19 -0.23
CA ASN A 231 -15.31 19.31 0.53
C ASN A 231 -14.46 20.57 0.33
N PRO A 232 -15.02 21.57 -0.31
CA PRO A 232 -14.21 22.74 -0.64
C PRO A 232 -13.80 23.55 0.56
N ASP A 233 -14.59 23.47 1.59
CA ASP A 233 -14.33 24.22 2.76
C ASP A 233 -13.15 23.69 3.54
N THR A 234 -13.01 22.39 3.67
CA THR A 234 -11.87 21.80 4.38
C THR A 234 -10.70 21.46 3.46
N GLN A 235 -10.97 21.46 2.16
CA GLN A 235 -9.96 21.18 1.14
C GLN A 235 -9.43 19.75 1.19
N TYR A 236 -10.31 18.79 1.49
CA TYR A 236 -9.97 17.37 1.46
C TYR A 236 -10.97 16.56 0.64
N TYR A 237 -10.48 15.45 0.08
CA TYR A 237 -11.33 14.39 -0.46
C TYR A 237 -11.63 13.41 0.65
N TYR A 238 -12.89 13.04 0.78
CA TYR A 238 -13.32 12.07 1.79
C TYR A 238 -13.70 10.78 1.11
N LEU A 239 -13.03 9.71 1.50
CA LEU A 239 -13.33 8.37 1.00
C LEU A 239 -14.19 7.65 2.02
N TYR A 240 -15.46 7.44 1.65
CA TYR A 240 -16.41 6.70 2.48
C TYR A 240 -16.33 5.23 2.11
N LEU A 241 -16.48 4.39 3.15
CA LEU A 241 -16.33 2.93 2.99
C LEU A 241 -17.31 2.24 3.91
N SER A 242 -17.72 1.03 3.54
CA SER A 242 -18.52 0.20 4.44
C SER A 242 -17.67 -0.94 4.95
N TYR A 243 -17.63 -1.11 6.27
CA TYR A 243 -16.93 -2.21 6.92
C TYR A 243 -17.91 -3.28 7.40
N GLY A 244 -17.49 -4.54 7.36
CA GLY A 244 -18.34 -5.61 7.83
C GLY A 244 -19.26 -6.17 6.78
N GLY A 245 -20.21 -6.95 7.24
CA GLY A 245 -21.19 -7.50 6.34
C GLY A 245 -22.54 -6.81 6.34
N LEU A 246 -23.16 -6.80 5.17
CA LEU A 246 -24.41 -6.09 4.99
C LEU A 246 -25.64 -6.62 5.73
N ASP A 247 -25.64 -7.90 6.06
CA ASP A 247 -26.78 -8.50 6.64
C ASP A 247 -26.97 -8.11 8.09
N ALA A 248 -28.08 -8.58 8.65
CA ALA A 248 -28.42 -8.16 10.00
C ALA A 248 -27.45 -8.59 11.07
N THR A 249 -26.67 -9.60 10.81
CA THR A 249 -25.70 -10.06 11.76
C THR A 249 -24.28 -9.70 11.38
N GLY A 250 -24.19 -8.84 10.37
CA GLY A 250 -22.91 -8.57 9.73
C GLY A 250 -22.05 -7.43 10.27
N GLY A 251 -22.63 -6.58 11.08
CA GLY A 251 -21.87 -5.49 11.67
C GLY A 251 -21.56 -4.35 10.72
N TYR A 252 -22.37 -4.19 9.69
CA TYR A 252 -22.08 -3.17 8.68
C TYR A 252 -22.01 -1.83 9.38
N ASN A 253 -21.05 -1.01 8.95
CA ASN A 253 -20.91 0.34 9.48
C ASN A 253 -20.22 1.25 8.47
N ILE A 254 -20.54 2.52 8.54
CA ILE A 254 -20.00 3.50 7.60
C ILE A 254 -18.77 4.17 8.18
N ARG A 255 -17.70 4.15 7.41
CA ARG A 255 -16.43 4.75 7.81
C ARG A 255 -15.96 5.75 6.78
N VAL A 256 -14.99 6.58 7.19
CA VAL A 256 -14.45 7.59 6.30
C VAL A 256 -12.94 7.81 6.56
N ALA A 257 -12.23 8.15 5.49
CA ALA A 257 -10.83 8.56 5.56
C ALA A 257 -10.67 9.76 4.64
N ARG A 258 -9.52 10.42 4.65
CA ARG A 258 -9.39 11.62 3.82
C ARG A 258 -8.00 11.77 3.22
N SER A 259 -7.92 12.58 2.17
CA SER A 259 -6.67 12.83 1.45
C SER A 259 -6.72 14.17 0.75
N LYS A 260 -5.57 14.80 0.59
CA LYS A 260 -5.49 16.02 -0.22
C LYS A 260 -5.68 15.74 -1.72
N LYS A 261 -5.46 14.49 -2.11
CA LYS A 261 -5.55 14.07 -3.51
C LYS A 261 -6.61 13.00 -3.68
N PRO A 262 -7.27 12.98 -4.84
CA PRO A 262 -8.36 12.01 -5.04
C PRO A 262 -7.85 10.58 -5.00
N ASP A 263 -6.61 10.38 -5.43
CA ASP A 263 -6.03 9.04 -5.49
C ASP A 263 -5.11 8.74 -4.30
N GLY A 264 -5.29 9.49 -3.21
CA GLY A 264 -4.60 9.19 -1.96
C GLY A 264 -3.21 9.78 -1.88
N PRO A 265 -2.43 9.39 -0.86
CA PRO A 265 -2.79 8.40 0.17
C PRO A 265 -3.86 8.88 1.14
N TYR A 266 -4.77 7.98 1.49
CA TYR A 266 -5.81 8.29 2.45
C TYR A 266 -5.37 7.97 3.87
N TYR A 267 -5.82 8.77 4.83
CA TYR A 267 -5.50 8.59 6.24
C TYR A 267 -6.77 8.75 7.09
N ASP A 268 -6.77 8.13 8.27
CA ASP A 268 -7.86 8.34 9.23
C ASP A 268 -7.51 9.43 10.25
N ALA A 269 -8.34 9.59 11.27
CA ALA A 269 -8.19 10.73 12.17
C ALA A 269 -6.96 10.61 13.06
N GLU A 270 -6.47 9.39 13.22
CA GLU A 270 -5.26 9.13 14.01
C GLU A 270 -4.01 9.27 13.16
N GLY A 271 -4.19 9.47 11.86
CA GLY A 271 -3.08 9.51 10.93
C GLY A 271 -2.62 8.14 10.46
N ASN A 272 -3.41 7.09 10.72
CA ASN A 272 -3.09 5.78 10.15
C ASN A 272 -3.24 5.83 8.64
N PRO A 273 -2.26 5.30 7.90
CA PRO A 273 -2.42 5.19 6.45
C PRO A 273 -3.40 4.07 6.09
N MET A 274 -4.42 4.37 5.29
CA MET A 274 -5.40 3.36 4.90
C MET A 274 -4.77 2.25 4.04
N LEU A 275 -3.70 2.57 3.39
CA LEU A 275 -3.00 1.54 2.64
C LEU A 275 -2.56 0.35 3.47
N ASP A 276 -2.37 0.55 4.76
CA ASP A 276 -1.95 -0.50 5.68
C ASP A 276 -3.06 -1.50 6.03
N VAL A 277 -4.28 -1.12 5.73
N VAL A 277 -4.28 -1.12 5.73
CA VAL A 277 -5.41 -1.92 6.09
CA VAL A 277 -5.39 -1.93 6.13
C VAL A 277 -5.57 -3.19 5.26
C VAL A 277 -5.57 -3.19 5.26
N ARG A 278 -5.58 -4.35 5.91
CA ARG A 278 -5.78 -5.61 5.23
C ARG A 278 -6.01 -6.70 6.26
N GLY A 279 -6.61 -7.80 5.82
CA GLY A 279 -6.69 -8.98 6.66
C GLY A 279 -5.32 -9.61 6.77
N LYS A 280 -5.10 -10.40 7.80
CA LYS A 280 -3.85 -11.13 7.93
C LYS A 280 -3.68 -12.10 6.77
N GLY A 281 -2.44 -12.26 6.31
CA GLY A 281 -2.17 -13.17 5.21
C GLY A 281 -2.70 -14.56 5.51
N GLY A 282 -3.34 -15.17 4.52
CA GLY A 282 -3.84 -16.52 4.64
C GLY A 282 -5.19 -16.64 5.33
N THR A 283 -5.79 -15.50 5.68
CA THR A 283 -7.10 -15.49 6.31
C THR A 283 -8.20 -14.92 5.40
N PHE A 284 -9.45 -15.08 5.84
CA PHE A 284 -10.63 -14.53 5.17
C PHE A 284 -11.50 -13.77 6.17
N PHE A 285 -11.96 -12.58 5.76
CA PHE A 285 -12.89 -11.80 6.56
C PHE A 285 -12.35 -11.55 7.96
N ASP A 286 -11.08 -11.22 8.05
CA ASP A 286 -10.42 -10.91 9.32
C ASP A 286 -10.82 -9.51 9.79
N ASP A 287 -11.93 -9.44 10.52
CA ASP A 287 -12.46 -8.17 11.01
C ASP A 287 -11.55 -7.51 12.06
N ARG A 288 -10.93 -8.33 12.91
N ARG A 288 -10.92 -8.31 12.91
CA ARG A 288 -10.09 -7.81 13.98
CA ARG A 288 -10.13 -7.73 14.00
C ARG A 288 -9.01 -6.88 13.44
C ARG A 288 -8.91 -6.94 13.51
N SER A 289 -8.36 -7.31 12.37
CA SER A 289 -7.23 -6.55 11.84
C SER A 289 -7.58 -5.22 11.21
N ILE A 290 -8.79 -5.13 10.76
CA ILE A 290 -9.20 -3.89 10.09
C ILE A 290 -9.94 -2.88 10.96
N GLU A 291 -10.49 -3.32 12.05
CA GLU A 291 -11.30 -2.42 12.81
C GLU A 291 -10.59 -1.21 13.41
N PRO A 292 -9.29 -1.29 13.62
CA PRO A 292 -8.64 -0.08 14.12
C PRO A 292 -8.54 1.09 13.16
N TYR A 293 -8.81 0.84 11.88
CA TYR A 293 -8.56 1.83 10.85
C TYR A 293 -9.82 2.51 10.36
N GLY A 294 -9.75 3.83 10.20
CA GLY A 294 -10.85 4.59 9.62
C GLY A 294 -11.64 5.28 10.70
N VAL A 295 -12.30 6.37 10.34
CA VAL A 295 -13.22 7.06 11.23
C VAL A 295 -14.55 6.35 11.10
N LYS A 296 -15.16 5.95 12.21
CA LYS A 296 -16.46 5.27 12.15
C LYS A 296 -17.60 6.27 12.41
N LEU A 297 -18.42 6.50 11.40
CA LEU A 297 -19.47 7.51 11.51
C LEU A 297 -20.78 6.98 12.07
N MET A 298 -21.08 5.72 11.79
CA MET A 298 -22.37 5.18 12.16
C MET A 298 -22.39 3.67 12.04
N GLY A 299 -22.88 3.00 13.08
CA GLY A 299 -23.17 1.58 13.06
C GLY A 299 -24.56 1.33 13.62
N SER A 300 -24.88 0.07 13.93
CA SER A 300 -26.19 -0.28 14.46
C SER A 300 -26.42 0.40 15.82
N TYR A 301 -27.62 0.94 16.03
CA TYR A 301 -27.93 1.65 17.27
C TYR A 301 -29.44 1.67 17.45
N THR A 302 -29.87 1.94 18.68
CA THR A 302 -31.27 2.24 18.91
C THR A 302 -31.42 3.23 20.05
N PHE A 303 -32.32 4.18 19.86
CA PHE A 303 -32.67 5.12 20.90
C PHE A 303 -33.87 4.60 21.71
N GLU A 304 -34.40 3.46 21.31
CA GLU A 304 -35.57 2.90 21.97
C GLU A 304 -35.19 2.33 23.31
N THR A 305 -36.03 2.57 24.32
CA THR A 305 -35.84 1.97 25.62
C THR A 305 -37.18 1.39 26.06
N GLU A 306 -37.21 0.81 27.24
CA GLU A 306 -38.43 0.16 27.75
C GLU A 306 -39.69 1.02 27.73
N ASN A 307 -39.58 2.26 28.21
CA ASN A 307 -40.70 3.16 28.24
C ASN A 307 -40.72 4.26 27.19
N GLU A 308 -39.92 4.17 26.13
CA GLU A 308 -39.91 5.21 25.15
C GLU A 308 -39.49 4.68 23.76
N LYS A 309 -40.23 5.03 22.75
CA LYS A 309 -39.94 4.65 21.38
C LYS A 309 -38.76 5.51 20.93
N GLY A 310 -38.07 5.03 19.91
CA GLY A 310 -36.94 5.76 19.37
C GLY A 310 -36.54 5.21 18.01
N THR A 311 -35.73 5.97 17.29
CA THR A 311 -35.21 5.49 16.03
C THR A 311 -34.15 4.44 16.28
N GLY A 312 -33.83 3.67 15.25
CA GLY A 312 -32.77 2.69 15.36
C GLY A 312 -32.51 2.04 14.01
N TYR A 313 -31.24 1.77 13.75
CA TYR A 313 -30.80 1.13 12.51
C TYR A 313 -29.98 -0.12 12.83
N VAL A 314 -30.04 -1.08 11.92
CA VAL A 314 -29.15 -2.24 11.91
C VAL A 314 -28.36 -2.25 10.60
N SER A 315 -27.04 -2.37 10.70
CA SER A 315 -26.20 -2.46 9.50
C SER A 315 -26.43 -1.33 8.47
N PRO A 316 -26.35 -0.06 8.91
CA PRO A 316 -26.44 1.03 7.93
C PRO A 316 -25.18 1.00 7.06
N GLY A 317 -25.31 1.23 5.76
CA GLY A 317 -24.11 1.20 4.95
C GLY A 317 -24.32 1.31 3.46
N HIS A 318 -23.25 0.96 2.75
CA HIS A 318 -23.08 1.22 1.32
C HIS A 318 -23.62 2.58 0.91
N ASN A 319 -22.90 3.60 1.35
CA ASN A 319 -23.39 4.95 1.18
C ASN A 319 -22.89 5.67 -0.06
N SER A 320 -23.53 6.79 -0.31
CA SER A 320 -22.97 7.83 -1.18
C SER A 320 -23.08 9.12 -0.38
N ALA A 321 -22.72 10.24 -1.01
CA ALA A 321 -22.74 11.50 -0.28
C ALA A 321 -22.87 12.62 -1.28
N TYR A 322 -23.42 13.74 -0.82
CA TYR A 322 -23.69 14.85 -1.71
C TYR A 322 -23.32 16.17 -1.05
N TYR A 323 -22.66 17.02 -1.83
CA TYR A 323 -22.32 18.37 -1.38
C TYR A 323 -23.10 19.38 -2.22
N ASP A 324 -23.89 20.21 -1.54
CA ASP A 324 -24.70 21.20 -2.23
C ASP A 324 -23.94 22.51 -2.35
N GLU A 325 -23.49 22.84 -3.55
CA GLU A 325 -22.68 24.05 -3.75
C GLU A 325 -23.42 25.34 -3.41
N LYS A 326 -24.47 25.29 -3.40
CA LYS A 326 -25.37 26.43 -3.20
C LYS A 326 -25.55 26.81 -1.75
N THR A 327 -25.47 25.86 -0.91
CA THR A 327 -25.60 26.10 0.54
C THR A 327 -24.41 25.69 1.38
N GLY A 328 -23.53 24.89 0.84
CA GLY A 328 -22.40 24.43 1.59
C GLY A 328 -22.73 23.26 2.48
N ARG A 329 -23.93 22.74 2.36
N ARG A 329 -24.02 22.78 2.37
CA ARG A 329 -24.34 21.61 3.19
CA ARG A 329 -24.62 21.59 3.13
C ARG A 329 -24.01 20.26 2.53
C ARG A 329 -24.16 20.25 2.52
N SER A 330 -23.76 19.26 3.36
CA SER A 330 -23.42 17.90 2.88
C SER A 330 -24.39 16.89 3.46
N TYR A 331 -24.59 15.81 2.73
CA TYR A 331 -25.50 14.76 3.11
C TYR A 331 -24.94 13.38 2.87
N LEU A 332 -25.31 12.46 3.76
CA LEU A 332 -24.96 11.04 3.66
C LEU A 332 -26.22 10.27 3.24
N ILE A 333 -26.10 9.51 2.18
CA ILE A 333 -27.19 8.70 1.65
C ILE A 333 -26.80 7.22 1.73
N PHE A 334 -27.66 6.40 2.30
CA PHE A 334 -27.29 5.00 2.52
C PHE A 334 -28.54 4.15 2.61
N HIS A 335 -28.38 2.85 2.58
CA HIS A 335 -29.45 1.98 2.95
C HIS A 335 -29.24 1.50 4.37
N THR A 336 -30.31 1.02 4.98
CA THR A 336 -30.17 0.45 6.30
C THR A 336 -31.24 -0.59 6.55
N ARG A 337 -30.90 -1.53 7.41
CA ARG A 337 -31.84 -2.45 8.00
C ARG A 337 -32.27 -1.85 9.36
N PHE A 338 -33.13 -2.56 10.08
CA PHE A 338 -33.75 -2.01 11.28
C PHE A 338 -33.92 -3.07 12.35
N PRO A 339 -33.83 -2.68 13.62
CA PRO A 339 -34.11 -3.63 14.69
C PRO A 339 -35.48 -4.30 14.47
N GLY A 340 -35.51 -5.63 14.54
CA GLY A 340 -36.75 -6.36 14.44
C GLY A 340 -37.40 -6.44 13.07
N ARG A 341 -36.71 -5.99 12.03
CA ARG A 341 -37.26 -6.07 10.67
C ARG A 341 -36.47 -6.98 9.75
N GLY A 342 -35.64 -7.84 10.33
CA GLY A 342 -34.88 -8.81 9.56
C GLY A 342 -34.01 -8.17 8.50
N GLU A 343 -34.17 -8.62 7.26
CA GLU A 343 -33.35 -8.11 6.16
C GLU A 343 -34.04 -6.99 5.36
N GLU A 344 -35.16 -6.48 5.85
CA GLU A 344 -35.84 -5.35 5.20
C GLU A 344 -34.93 -4.14 5.21
N HIS A 345 -34.91 -3.40 4.09
CA HIS A 345 -34.06 -2.23 4.01
C HIS A 345 -34.73 -1.07 3.34
N GLU A 346 -34.31 0.13 3.71
CA GLU A 346 -34.82 1.36 3.13
C GLU A 346 -33.69 2.37 2.99
N VAL A 347 -33.90 3.36 2.12
CA VAL A 347 -32.97 4.46 1.96
C VAL A 347 -33.12 5.46 3.11
N ARG A 348 -31.98 5.94 3.61
CA ARG A 348 -31.95 7.01 4.59
C ARG A 348 -30.99 8.12 4.16
N VAL A 349 -31.28 9.34 4.60
CA VAL A 349 -30.43 10.49 4.35
C VAL A 349 -30.19 11.19 5.68
N HIS A 350 -28.92 11.39 6.04
CA HIS A 350 -28.57 12.18 7.22
C HIS A 350 -27.66 13.32 6.81
N GLN A 351 -27.92 14.51 7.34
CA GLN A 351 -27.03 15.62 7.08
C GLN A 351 -25.66 15.39 7.76
N LEU A 352 -24.60 15.89 7.12
CA LEU A 352 -23.24 15.81 7.64
C LEU A 352 -22.73 17.21 7.95
N PHE A 353 -21.95 17.33 9.01
CA PHE A 353 -21.36 18.61 9.39
C PHE A 353 -19.87 18.40 9.66
N MET A 354 -19.04 19.31 9.23
CA MET A 354 -17.61 19.19 9.45
C MET A 354 -17.24 19.77 10.79
N ASN A 355 -16.48 19.03 11.57
CA ASN A 355 -16.02 19.52 12.86
C ASN A 355 -14.75 20.36 12.73
N LYS A 356 -14.23 20.84 13.86
CA LYS A 356 -13.12 21.79 13.81
C LYS A 356 -11.84 21.14 13.27
N ASP A 357 -11.76 19.82 13.32
CA ASP A 357 -10.59 19.09 12.83
C ASP A 357 -10.76 18.64 11.37
N GLY A 358 -11.88 19.00 10.75
CA GLY A 358 -12.08 18.68 9.34
C GLY A 358 -12.61 17.28 9.10
N TRP A 359 -13.35 16.74 10.07
CA TRP A 359 -13.98 15.44 9.90
C TRP A 359 -15.49 15.58 10.00
N PRO A 360 -16.21 14.81 9.18
CA PRO A 360 -17.67 14.91 9.22
C PRO A 360 -18.27 14.18 10.40
N VAL A 361 -19.35 14.74 10.94
CA VAL A 361 -20.21 14.06 11.89
C VAL A 361 -21.61 13.99 11.30
N ALA A 362 -22.30 12.88 11.54
CA ALA A 362 -23.66 12.73 11.02
C ALA A 362 -24.70 13.21 12.02
N ALA A 363 -25.74 13.88 11.53
CA ALA A 363 -26.89 14.19 12.39
C ALA A 363 -27.43 12.88 12.96
N PRO A 364 -27.83 12.85 14.24
CA PRO A 364 -28.36 11.60 14.78
C PRO A 364 -29.68 11.18 14.14
N TYR A 365 -30.45 12.14 13.63
CA TYR A 365 -31.75 11.83 13.02
C TYR A 365 -31.73 12.13 11.53
N ARG A 366 -32.54 11.39 10.79
CA ARG A 366 -32.64 11.56 9.34
C ARG A 366 -33.05 12.98 8.95
N TYR A 367 -32.65 13.38 7.74
CA TYR A 367 -32.85 14.75 7.29
C TYR A 367 -34.31 15.12 7.16
N ALA A 368 -34.68 16.25 7.75
CA ALA A 368 -36.07 16.71 7.72
C ALA A 368 -36.14 18.21 7.43
N GLY A 369 -35.06 18.76 6.87
CA GLY A 369 -35.04 20.17 6.53
C GLY A 369 -34.34 21.03 7.57
N GLU A 370 -33.76 20.39 8.57
CA GLU A 370 -33.03 21.11 9.61
C GLU A 370 -31.77 21.75 9.06
N THR A 371 -31.33 22.85 9.68
CA THR A 371 -30.05 23.47 9.35
C THR A 371 -29.35 23.87 10.64
N LEU A 372 -28.03 24.06 10.57
CA LEU A 372 -27.29 24.61 11.69
C LEU A 372 -27.79 26.00 11.99
N LYS A 373 -28.09 26.26 13.26
CA LYS A 373 -28.58 27.57 13.68
C LYS A 373 -27.88 27.98 14.95
N GLU A 374 -28.10 29.20 15.41
CA GLU A 374 -27.56 29.59 16.71
C GLU A 374 -28.25 28.73 17.75
N VAL A 375 -27.45 28.19 18.67
CA VAL A 375 -27.98 27.43 19.79
C VAL A 375 -27.61 28.17 21.05
N LYS A 376 -28.57 28.27 21.99
CA LYS A 376 -28.36 28.95 23.26
C LYS A 376 -28.04 27.94 24.36
N GLN A 377 -27.18 28.33 25.29
CA GLN A 377 -26.83 27.44 26.40
C GLN A 377 -28.06 26.94 27.15
N LYS A 378 -29.04 27.82 27.34
CA LYS A 378 -30.27 27.46 28.04
C LYS A 378 -30.97 26.26 27.41
N ASP A 379 -30.81 26.10 26.10
CA ASP A 379 -31.50 25.04 25.36
C ASP A 379 -30.66 23.77 25.27
N ILE A 380 -29.44 23.84 25.77
CA ILE A 380 -28.52 22.71 25.77
C ILE A 380 -28.58 21.89 27.07
N THR A 381 -28.72 22.57 28.20
CA THR A 381 -28.70 21.87 29.47
C THR A 381 -29.88 20.91 29.61
N GLY A 382 -29.63 19.75 30.21
CA GLY A 382 -30.68 18.78 30.44
C GLY A 382 -30.17 17.36 30.32
N THR A 383 -31.10 16.41 30.25
CA THR A 383 -30.76 15.00 30.18
C THR A 383 -30.76 14.50 28.73
N TYR A 384 -29.75 13.71 28.41
CA TYR A 384 -29.59 13.18 27.05
C TYR A 384 -29.48 11.66 27.05
N LYS A 385 -30.14 11.05 26.07
CA LYS A 385 -29.81 9.68 25.68
C LYS A 385 -28.55 9.71 24.80
N LEU A 386 -27.61 8.85 25.13
CA LEU A 386 -26.30 8.83 24.48
C LEU A 386 -26.00 7.52 23.75
N ILE A 387 -25.65 7.64 22.47
CA ILE A 387 -25.17 6.49 21.69
C ILE A 387 -23.68 6.67 21.40
N GLN A 388 -22.90 5.63 21.66
CA GLN A 388 -21.47 5.65 21.33
C GLN A 388 -21.21 4.59 20.29
N HIS A 389 -20.89 5.01 19.07
CA HIS A 389 -20.74 4.07 17.97
C HIS A 389 -19.44 3.25 18.05
N GLY A 390 -18.45 3.76 18.79
CA GLY A 390 -17.21 3.03 19.00
C GLY A 390 -16.35 2.87 17.77
N LYS A 391 -15.59 1.80 17.75
CA LYS A 391 -14.68 1.56 16.62
C LYS A 391 -14.68 0.15 16.14
N ASP A 392 -15.61 -0.64 16.61
CA ASP A 392 -15.65 -2.05 16.27
C ASP A 392 -16.46 -2.35 15.01
N ILE A 393 -16.31 -3.58 14.54
CA ILE A 393 -17.27 -4.20 13.63
C ILE A 393 -18.05 -5.19 14.49
N SER A 394 -19.31 -4.88 14.74
CA SER A 394 -20.10 -5.66 15.69
C SER A 394 -21.57 -5.73 15.28
N ALA A 395 -22.18 -6.90 15.46
CA ALA A 395 -23.60 -7.05 15.20
C ALA A 395 -24.44 -6.56 16.39
N ASP A 396 -23.79 -6.22 17.49
CA ASP A 396 -24.49 -5.69 18.64
C ASP A 396 -25.14 -4.34 18.32
N ILE A 397 -26.42 -4.21 18.65
CA ILE A 397 -27.10 -2.93 18.46
C ILE A 397 -26.77 -2.02 19.64
N LYS A 398 -26.01 -0.97 19.38
CA LYS A 398 -25.59 -0.08 20.47
C LYS A 398 -26.81 0.53 21.16
N GLN A 399 -26.80 0.56 22.49
CA GLN A 399 -27.93 1.07 23.25
C GLN A 399 -27.56 2.34 23.99
N THR A 400 -28.57 3.03 24.53
CA THR A 400 -28.33 4.31 25.16
C THR A 400 -27.96 4.20 26.63
N ILE A 401 -27.23 5.20 27.09
CA ILE A 401 -27.13 5.50 28.51
C ILE A 401 -27.57 6.95 28.68
N ASN A 402 -27.85 7.34 29.91
CA ASN A 402 -28.33 8.69 30.19
C ASN A 402 -27.26 9.53 30.84
N ILE A 403 -27.09 10.75 30.32
CA ILE A 403 -26.18 11.70 30.93
C ILE A 403 -26.88 13.03 31.11
N GLN A 404 -26.33 13.89 31.95
CA GLN A 404 -26.87 15.23 32.10
C GLN A 404 -25.80 16.26 31.75
N LEU A 405 -26.18 17.22 30.90
CA LEU A 405 -25.33 18.37 30.65
C LEU A 405 -25.79 19.49 31.59
N ASN A 406 -24.94 19.83 32.56
CA ASN A 406 -25.31 20.73 33.64
C ASN A 406 -24.99 22.19 33.33
N LYS A 407 -25.62 23.09 34.08
CA LYS A 407 -25.45 24.52 33.85
C LYS A 407 -24.01 24.95 34.07
N ASN A 408 -23.31 24.25 34.97
CA ASN A 408 -21.92 24.57 35.29
C ASN A 408 -20.91 23.94 34.34
N HIS A 409 -21.40 23.43 33.21
CA HIS A 409 -20.55 22.90 32.15
C HIS A 409 -19.92 21.55 32.49
N THR A 410 -20.41 20.90 33.54
CA THR A 410 -20.02 19.52 33.81
C THR A 410 -21.02 18.58 33.17
N ILE A 411 -20.60 17.35 32.96
CA ILE A 411 -21.49 16.28 32.56
C ILE A 411 -21.51 15.23 33.65
N SER A 412 -22.71 14.78 34.02
CA SER A 412 -22.86 13.77 35.07
C SER A 412 -23.86 12.71 34.64
N GLY A 413 -24.07 11.72 35.50
CA GLY A 413 -24.95 10.60 35.17
C GLY A 413 -24.16 9.34 34.90
N GLU A 414 -24.57 8.57 33.89
CA GLU A 414 -23.91 7.30 33.60
C GLU A 414 -22.51 7.50 33.03
N MET A 415 -22.18 8.75 32.73
CA MET A 415 -20.84 9.13 32.30
C MET A 415 -20.56 10.51 32.85
N THR A 416 -19.29 10.82 33.06
CA THR A 416 -18.92 12.15 33.52
C THR A 416 -17.97 12.83 32.53
N GLY A 417 -17.94 14.15 32.57
CA GLY A 417 -17.06 14.92 31.70
C GLY A 417 -17.44 16.39 31.76
N THR A 418 -17.29 17.07 30.63
CA THR A 418 -17.58 18.49 30.53
C THR A 418 -18.13 18.80 29.15
N TRP A 419 -18.79 19.95 29.02
CA TRP A 419 -19.28 20.40 27.73
C TRP A 419 -19.11 21.90 27.64
N ARG A 420 -18.92 22.39 26.42
CA ARG A 420 -18.92 23.82 26.15
C ARG A 420 -19.39 24.04 24.72
N LYS A 421 -19.86 25.25 24.45
CA LYS A 421 -20.27 25.62 23.11
C LYS A 421 -19.34 26.71 22.60
N THR A 422 -18.90 26.54 21.37
CA THR A 422 -18.03 27.51 20.72
C THR A 422 -18.85 28.15 19.62
N GLY A 423 -18.73 29.46 19.51
CA GLY A 423 -19.42 30.16 18.44
C GLY A 423 -20.91 29.92 18.44
N LYS A 424 -21.47 29.75 17.25
CA LYS A 424 -22.89 29.61 17.05
C LYS A 424 -23.44 28.28 17.58
N ASN A 425 -22.73 27.19 17.33
CA ASN A 425 -23.29 25.86 17.54
C ASN A 425 -22.26 24.75 17.66
N THR A 426 -20.99 25.11 17.87
CA THR A 426 -19.94 24.12 17.93
C THR A 426 -19.92 23.44 19.30
N ALA A 427 -19.91 22.11 19.28
CA ALA A 427 -19.93 21.32 20.50
C ALA A 427 -18.54 20.81 20.82
N ASP A 428 -18.09 21.13 22.02
CA ASP A 428 -16.79 20.68 22.51
C ASP A 428 -17.09 19.90 23.78
N ILE A 429 -17.02 18.58 23.68
CA ILE A 429 -17.50 17.72 24.76
C ILE A 429 -16.45 16.70 25.18
N THR A 430 -16.18 16.64 26.47
CA THR A 430 -15.28 15.63 27.01
C THR A 430 -16.10 14.60 27.77
N LEU A 431 -15.86 13.33 27.47
CA LEU A 431 -16.53 12.21 28.10
C LEU A 431 -15.50 11.14 28.46
N ALA A 432 -15.46 10.79 29.73
CA ALA A 432 -14.52 9.83 30.19
C ALA A 432 -13.10 10.14 29.70
N GLY A 433 -12.72 11.39 29.85
CA GLY A 433 -11.38 11.80 29.50
C GLY A 433 -10.99 11.84 28.03
N LYS A 434 -11.97 11.66 27.15
CA LYS A 434 -11.73 11.78 25.72
C LYS A 434 -12.40 13.06 25.20
N LYS A 435 -11.68 13.84 24.40
CA LYS A 435 -12.24 15.06 23.83
C LYS A 435 -12.90 14.85 22.47
N TYR A 436 -14.16 15.25 22.35
CA TYR A 436 -14.92 15.15 21.11
C TYR A 436 -15.30 16.54 20.60
N ASN A 437 -15.41 16.67 19.28
CA ASN A 437 -15.82 17.94 18.70
C ASN A 437 -16.86 17.69 17.60
N GLY A 438 -17.87 18.55 17.55
CA GLY A 438 -18.90 18.41 16.55
C GLY A 438 -19.87 19.57 16.66
N VAL A 439 -21.16 19.27 16.57
CA VAL A 439 -22.18 20.31 16.59
C VAL A 439 -23.33 20.03 17.54
N PHE A 440 -23.98 21.08 18.02
CA PHE A 440 -25.31 21.03 18.58
C PHE A 440 -26.33 21.38 17.48
N LEU A 441 -27.41 20.63 17.43
CA LEU A 441 -28.38 20.76 16.36
C LEU A 441 -29.78 20.38 16.84
N ARG A 442 -30.71 21.18 16.71
CA ARG A 442 -32.08 20.84 16.98
C ARG A 442 -32.62 20.17 15.70
N GLN A 443 -33.23 19.04 15.89
N GLN A 443 -33.29 19.08 15.86
CA GLN A 443 -33.70 18.16 14.82
CA GLN A 443 -33.91 18.47 14.69
C GLN A 443 -35.15 17.76 14.99
C GLN A 443 -35.12 17.63 15.07
N TRP A 444 -35.62 16.90 14.08
CA TRP A 444 -36.90 16.23 14.22
C TRP A 444 -36.66 14.73 14.46
N ASP A 445 -37.35 14.19 15.44
CA ASP A 445 -37.37 12.75 15.68
C ASP A 445 -38.66 12.22 15.06
N SER A 446 -38.53 11.48 13.97
CA SER A 446 -39.70 11.08 13.17
C SER A 446 -40.48 9.91 13.76
N VAL A 447 -39.90 9.23 14.73
CA VAL A 447 -40.59 8.12 15.39
C VAL A 447 -41.48 8.65 16.50
N ARG A 448 -40.91 9.44 17.40
CA ARG A 448 -41.68 10.07 18.46
C ARG A 448 -42.46 11.29 17.95
N GLU A 449 -42.08 11.79 16.78
CA GLU A 449 -42.73 12.94 16.16
C GLU A 449 -42.65 14.18 17.04
N LYS A 450 -41.43 14.57 17.37
CA LYS A 450 -41.22 15.79 18.11
C LYS A 450 -39.82 16.33 17.87
N ASN A 451 -39.66 17.62 18.15
CA ASN A 451 -38.35 18.24 18.01
C ASN A 451 -37.47 17.83 19.16
N VAL A 452 -36.17 17.76 18.90
N VAL A 452 -36.18 17.70 18.88
CA VAL A 452 -35.22 17.28 19.86
CA VAL A 452 -35.21 17.31 19.88
C VAL A 452 -33.93 18.09 19.72
C VAL A 452 -33.97 18.17 19.73
N MET A 453 -33.27 18.40 20.84
CA MET A 453 -31.94 18.99 20.77
C MET A 453 -30.97 17.82 20.74
N THR A 454 -30.00 17.89 19.82
CA THR A 454 -29.03 16.82 19.70
C THR A 454 -27.61 17.38 19.73
N PHE A 455 -26.65 16.49 19.97
CA PHE A 455 -25.28 16.76 19.57
C PHE A 455 -24.70 15.57 18.85
N SER A 456 -23.74 15.84 17.98
CA SER A 456 -23.04 14.79 17.28
C SER A 456 -21.59 15.20 17.22
N VAL A 457 -20.73 14.35 17.78
CA VAL A 457 -19.34 14.70 17.96
C VAL A 457 -18.39 13.51 17.65
N LEU A 458 -17.14 13.85 17.41
CA LEU A 458 -16.12 12.89 17.01
C LEU A 458 -14.81 13.14 17.75
N ASN A 459 -14.16 12.09 18.21
CA ASN A 459 -12.84 12.26 18.82
C ASN A 459 -11.73 11.99 17.82
N THR A 460 -10.47 12.10 18.26
CA THR A 460 -9.34 11.92 17.35
C THR A 460 -9.09 10.46 16.96
N SER A 461 -9.71 9.54 17.68
CA SER A 461 -9.62 8.12 17.36
C SER A 461 -10.70 7.70 16.35
N GLY A 462 -11.48 8.67 15.89
CA GLY A 462 -12.56 8.39 14.94
C GLY A 462 -13.79 7.74 15.56
N GLU A 463 -14.01 8.01 16.85
CA GLU A 463 -15.19 7.49 17.54
C GLU A 463 -16.28 8.55 17.61
N ALA A 464 -17.48 8.18 17.18
CA ALA A 464 -18.62 9.09 17.10
C ALA A 464 -19.55 8.93 18.29
N VAL A 465 -20.04 10.05 18.81
CA VAL A 465 -21.01 10.03 19.90
C VAL A 465 -22.19 10.89 19.52
N TRP A 466 -23.39 10.38 19.74
CA TRP A 466 -24.62 11.13 19.52
C TRP A 466 -25.37 11.31 20.82
N GLY A 467 -25.90 12.51 21.05
CA GLY A 467 -26.78 12.76 22.17
C GLY A 467 -28.15 13.24 21.72
N SER A 468 -29.19 12.76 22.37
CA SER A 468 -30.56 13.14 22.05
C SER A 468 -31.29 13.55 23.33
N LYS A 469 -31.79 14.78 23.37
CA LYS A 469 -32.27 15.34 24.64
C LYS A 469 -33.65 14.86 25.07
N LEU A 470 -33.73 14.63 26.35
CA LEU A 470 -34.99 14.09 26.87
C LEU A 470 -35.95 15.21 27.28
N LYS B 28 45.41 8.34 -10.31
CA LYS B 28 44.54 7.40 -11.03
C LYS B 28 44.01 6.31 -10.12
N PRO B 29 42.68 6.20 -10.01
CA PRO B 29 42.06 5.27 -9.06
C PRO B 29 42.56 3.84 -9.23
N ILE B 30 42.85 3.20 -8.10
CA ILE B 30 43.34 1.82 -8.09
C ILE B 30 42.29 0.88 -7.53
N PHE B 31 41.99 -0.18 -8.28
CA PHE B 31 41.06 -1.20 -7.82
C PHE B 31 41.78 -2.52 -7.67
N LYS B 32 41.44 -3.27 -6.64
CA LYS B 32 41.93 -4.64 -6.53
C LYS B 32 40.70 -5.49 -6.25
N GLU B 33 40.48 -6.49 -7.10
CA GLU B 33 39.21 -7.23 -7.09
C GLU B 33 39.19 -8.43 -6.18
N VAL B 34 38.00 -8.74 -5.67
CA VAL B 34 37.78 -9.94 -4.88
C VAL B 34 36.49 -10.61 -5.31
N SER B 35 36.39 -11.90 -5.00
N SER B 35 36.38 -11.90 -4.99
CA SER B 35 35.18 -12.65 -5.28
CA SER B 35 35.18 -12.66 -5.30
C SER B 35 34.56 -13.13 -3.98
C SER B 35 34.55 -13.15 -4.00
N VAL B 36 33.43 -12.54 -3.65
CA VAL B 36 32.66 -12.91 -2.46
C VAL B 36 31.21 -12.84 -2.92
N HIS B 37 30.58 -14.01 -3.08
CA HIS B 37 29.20 -14.05 -3.51
C HIS B 37 28.30 -13.60 -2.37
N ASP B 38 27.28 -12.79 -2.66
CA ASP B 38 26.31 -12.36 -1.64
C ASP B 38 26.97 -11.58 -0.51
N PRO B 39 27.72 -10.53 -0.84
CA PRO B 39 28.51 -9.86 0.20
C PRO B 39 27.68 -9.08 1.22
N SER B 40 27.99 -9.26 2.50
CA SER B 40 27.32 -8.54 3.58
C SER B 40 28.37 -7.68 4.30
N ILE B 41 28.24 -6.36 4.14
CA ILE B 41 29.20 -5.38 4.62
C ILE B 41 29.14 -5.16 6.14
N ILE B 42 30.31 -5.03 6.76
CA ILE B 42 30.41 -4.64 8.16
C ILE B 42 31.70 -3.86 8.34
N GLU B 43 31.61 -2.72 9.00
CA GLU B 43 32.77 -1.87 9.24
C GLU B 43 33.17 -1.98 10.69
N THR B 44 34.46 -2.06 10.95
CA THR B 44 34.94 -2.03 12.32
C THR B 44 36.33 -1.43 12.39
N ASN B 45 36.48 -0.43 13.25
CA ASN B 45 37.76 0.23 13.45
C ASN B 45 38.42 0.69 12.14
N GLY B 46 37.62 1.21 11.23
CA GLY B 46 38.16 1.81 10.01
C GLY B 46 38.40 0.84 8.87
N THR B 47 38.12 -0.43 9.09
CA THR B 47 38.25 -1.44 8.03
C THR B 47 36.88 -2.01 7.67
N PHE B 48 36.62 -2.11 6.37
CA PHE B 48 35.39 -2.72 5.88
C PHE B 48 35.62 -4.18 5.56
N TYR B 49 34.70 -5.02 6.01
CA TYR B 49 34.68 -6.43 5.62
C TYR B 49 33.43 -6.76 4.86
N VAL B 50 33.53 -7.70 3.92
CA VAL B 50 32.34 -8.37 3.44
C VAL B 50 32.42 -9.87 3.75
N PHE B 51 31.31 -10.42 4.22
CA PHE B 51 31.16 -11.85 4.42
C PHE B 51 30.06 -12.29 3.51
N GLY B 52 30.30 -13.38 2.78
CA GLY B 52 29.34 -13.85 1.78
C GLY B 52 29.00 -15.31 1.93
N SER B 53 28.67 -15.95 0.81
CA SER B 53 28.44 -17.39 0.82
C SER B 53 29.77 -18.11 0.79
N HIS B 54 29.71 -19.42 1.05
CA HIS B 54 30.89 -20.30 0.98
C HIS B 54 31.98 -19.91 1.98
N LEU B 55 31.56 -19.27 3.07
CA LEU B 55 32.47 -18.81 4.11
C LEU B 55 33.59 -17.95 3.51
N ALA B 56 33.23 -17.22 2.45
CA ALA B 56 34.17 -16.32 1.78
C ALA B 56 34.11 -14.93 2.41
N SER B 57 35.23 -14.22 2.32
CA SER B 57 35.32 -12.91 2.95
C SER B 57 36.45 -12.10 2.35
N ALA B 58 36.36 -10.78 2.50
CA ALA B 58 37.40 -9.88 2.02
C ALA B 58 37.36 -8.61 2.85
N LYS B 59 38.42 -7.83 2.79
CA LYS B 59 38.46 -6.57 3.54
C LYS B 59 39.08 -5.44 2.74
N SER B 60 38.77 -4.21 3.13
CA SER B 60 39.25 -3.02 2.43
C SER B 60 39.21 -1.83 3.36
N ASN B 61 40.17 -0.91 3.21
CA ASN B 61 40.10 0.35 3.94
C ASN B 61 39.46 1.49 3.13
N ASP B 62 39.34 1.32 1.82
CA ASP B 62 38.88 2.42 0.98
C ASP B 62 37.71 2.07 0.04
N LEU B 63 37.20 0.84 0.15
CA LEU B 63 36.12 0.31 -0.69
C LEU B 63 36.51 0.13 -2.17
N MET B 64 37.80 0.29 -2.47
CA MET B 64 38.29 0.14 -3.84
C MET B 64 39.34 -0.97 -3.98
N GLN B 65 40.29 -0.98 -3.06
CA GLN B 65 41.28 -2.04 -3.00
C GLN B 65 40.86 -3.06 -1.96
N TRP B 66 40.42 -4.22 -2.42
CA TRP B 66 39.99 -5.29 -1.54
C TRP B 66 41.02 -6.40 -1.47
N GLN B 67 41.17 -6.98 -0.28
CA GLN B 67 42.05 -8.12 -0.07
C GLN B 67 41.21 -9.36 0.20
N GLN B 68 41.39 -10.41 -0.59
CA GLN B 68 40.65 -11.65 -0.36
C GLN B 68 41.19 -12.31 0.90
N LEU B 69 40.29 -12.68 1.82
CA LEU B 69 40.70 -13.33 3.07
C LEU B 69 40.40 -14.82 3.03
N THR B 70 39.18 -15.19 2.64
CA THR B 70 38.80 -16.60 2.53
C THR B 70 37.92 -16.77 1.30
N THR B 71 37.81 -18.01 0.82
CA THR B 71 37.11 -18.29 -0.43
C THR B 71 36.14 -19.48 -0.43
N SER B 72 36.32 -20.44 0.48
CA SER B 72 35.48 -21.63 0.44
C SER B 72 35.38 -22.28 1.80
N VAL B 73 34.40 -23.16 1.95
CA VAL B 73 34.24 -23.94 3.17
C VAL B 73 35.24 -25.09 3.14
N SER B 74 36.12 -25.09 4.12
CA SER B 74 37.07 -26.18 4.30
C SER B 74 37.61 -26.17 5.71
N ASN B 75 38.12 -27.31 6.17
CA ASN B 75 38.60 -27.40 7.54
C ASN B 75 39.77 -26.43 7.83
N ASP B 76 40.41 -25.92 6.78
CA ASP B 76 41.50 -24.95 6.96
C ASP B 76 41.09 -23.48 6.76
N ASN B 77 39.78 -23.22 6.73
CA ASN B 77 39.30 -21.84 6.66
C ASN B 77 39.41 -21.22 8.06
N PRO B 78 40.18 -20.13 8.20
CA PRO B 78 40.46 -19.59 9.54
C PRO B 78 39.25 -18.99 10.26
N LEU B 79 38.19 -18.64 9.53
CA LEU B 79 37.01 -18.09 10.19
C LEU B 79 36.38 -19.10 11.15
N ILE B 80 36.33 -20.36 10.75
CA ILE B 80 35.79 -21.41 11.58
C ILE B 80 36.66 -22.66 11.42
N PRO B 81 37.72 -22.76 12.22
CA PRO B 81 38.59 -23.93 12.07
C PRO B 81 37.81 -25.22 12.27
N ASN B 82 38.15 -26.26 11.51
CA ASN B 82 37.45 -27.54 11.61
C ASN B 82 35.94 -27.36 11.44
N VAL B 83 35.57 -26.52 10.48
CA VAL B 83 34.19 -26.14 10.24
C VAL B 83 33.27 -27.36 10.06
N TYR B 84 33.76 -28.42 9.43
CA TYR B 84 32.88 -29.55 9.16
C TYR B 84 32.48 -30.30 10.44
N GLU B 85 33.29 -30.17 11.48
CA GLU B 85 32.93 -30.68 12.80
C GLU B 85 32.14 -29.64 13.58
N GLU B 86 32.62 -28.40 13.56
CA GLU B 86 32.00 -27.32 14.32
C GLU B 86 30.54 -27.12 13.94
N LEU B 87 30.25 -27.18 12.64
CA LEU B 87 28.87 -26.98 12.16
C LEU B 87 28.28 -28.27 11.59
N LYS B 88 28.72 -29.41 12.11
CA LYS B 88 28.30 -30.68 11.55
C LYS B 88 26.79 -30.83 11.45
N GLU B 89 26.07 -30.38 12.47
CA GLU B 89 24.62 -30.56 12.49
C GLU B 89 23.96 -29.84 11.32
N THR B 90 24.50 -28.68 10.96
CA THR B 90 23.97 -27.89 9.87
C THR B 90 24.25 -28.57 8.52
N PHE B 91 25.48 -29.02 8.30
CA PHE B 91 25.80 -29.71 7.06
C PHE B 91 24.97 -30.98 6.90
N GLU B 92 24.73 -31.67 8.01
CA GLU B 92 23.93 -32.90 7.98
C GLU B 92 22.48 -32.60 7.64
N TRP B 93 21.92 -31.58 8.27
CA TRP B 93 20.51 -31.22 8.03
C TRP B 93 20.32 -30.77 6.59
N ALA B 94 21.16 -29.83 6.16
CA ALA B 94 21.03 -29.21 4.85
C ALA B 94 21.54 -30.12 3.73
N GLN B 95 22.23 -31.18 4.09
CA GLN B 95 22.75 -32.11 3.09
C GLN B 95 23.60 -31.37 2.05
N SER B 96 24.54 -30.56 2.56
CA SER B 96 25.40 -29.71 1.74
C SER B 96 26.83 -29.72 2.29
N ASP B 97 27.80 -29.37 1.44
CA ASP B 97 29.17 -29.21 1.88
C ASP B 97 29.58 -27.74 1.93
N THR B 98 28.61 -26.84 1.80
CA THR B 98 28.94 -25.43 1.83
C THR B 98 27.95 -24.64 2.66
N LEU B 99 28.19 -23.34 2.77
CA LEU B 99 27.32 -22.44 3.50
C LEU B 99 26.79 -21.38 2.56
N TRP B 100 25.55 -20.96 2.78
CA TRP B 100 24.98 -19.87 1.99
C TRP B 100 25.30 -18.49 2.56
N ALA B 101 24.54 -17.46 2.19
CA ALA B 101 24.96 -16.07 2.41
C ALA B 101 24.96 -15.67 3.89
N ALA B 102 26.16 -15.48 4.44
CA ALA B 102 26.29 -15.12 5.86
C ALA B 102 25.92 -13.67 6.14
N ASP B 103 25.69 -13.38 7.41
CA ASP B 103 25.80 -12.02 7.91
C ASP B 103 26.63 -12.07 9.17
N VAL B 104 27.51 -11.09 9.35
CA VAL B 104 28.19 -10.87 10.61
C VAL B 104 27.77 -9.51 11.16
N THR B 105 27.41 -9.47 12.43
CA THR B 105 26.98 -8.24 13.09
C THR B 105 27.59 -8.22 14.48
N GLN B 106 28.13 -7.07 14.86
CA GLN B 106 28.65 -6.91 16.21
C GLN B 106 27.51 -6.53 17.15
N LEU B 107 27.41 -7.18 18.30
CA LEU B 107 26.39 -6.84 19.27
C LEU B 107 26.98 -6.07 20.44
N ALA B 108 26.10 -5.68 21.35
CA ALA B 108 26.48 -4.75 22.40
C ALA B 108 27.66 -5.25 23.24
N ASP B 109 27.81 -6.56 23.33
CA ASP B 109 28.91 -7.13 24.11
C ASP B 109 30.25 -6.96 23.40
N GLY B 110 30.23 -6.41 22.19
CA GLY B 110 31.46 -6.19 21.44
C GLY B 110 31.91 -7.40 20.62
N LYS B 111 31.25 -8.53 20.81
CA LYS B 111 31.61 -9.70 20.02
C LYS B 111 30.92 -9.69 18.66
N TYR B 112 31.49 -10.47 17.74
CA TYR B 112 31.02 -10.54 16.37
C TYR B 112 30.21 -11.80 16.18
N TYR B 113 28.97 -11.63 15.76
CA TYR B 113 28.03 -12.73 15.62
C TYR B 113 27.83 -13.09 14.16
N MET B 114 28.21 -14.31 13.79
CA MET B 114 27.97 -14.77 12.43
C MET B 114 26.68 -15.58 12.36
N TYR B 115 25.76 -15.12 11.53
CA TYR B 115 24.53 -15.85 11.26
C TYR B 115 24.78 -16.71 10.05
N TYR B 116 25.10 -17.97 10.30
CA TYR B 116 25.45 -18.88 9.22
C TYR B 116 24.23 -19.70 8.80
N ASN B 117 24.28 -20.21 7.58
CA ASN B 117 23.15 -20.96 7.07
C ASN B 117 23.58 -21.82 5.92
N ALA B 118 22.86 -22.93 5.73
CA ALA B 118 23.13 -23.85 4.62
C ALA B 118 21.82 -24.36 4.07
N CYS B 119 21.83 -24.68 2.78
CA CYS B 119 20.66 -25.18 2.09
C CYS B 119 21.05 -26.27 1.08
N ARG B 120 20.25 -27.31 0.99
CA ARG B 120 20.52 -28.37 0.02
C ARG B 120 20.62 -27.86 -1.42
N GLY B 121 19.83 -26.84 -1.74
CA GLY B 121 19.94 -26.17 -3.02
C GLY B 121 18.86 -26.51 -4.05
N ASP B 122 18.24 -27.68 -3.90
CA ASP B 122 17.19 -28.10 -4.82
C ASP B 122 15.80 -27.93 -4.19
N SER B 123 15.80 -27.41 -2.97
CA SER B 123 14.60 -27.34 -2.14
C SER B 123 15.04 -26.61 -0.89
N PRO B 124 14.08 -26.12 -0.08
CA PRO B 124 14.45 -25.28 1.06
C PRO B 124 14.81 -26.12 2.30
N ARG B 125 15.63 -27.14 2.09
CA ARG B 125 16.10 -27.99 3.17
C ARG B 125 17.34 -27.31 3.77
N SER B 126 17.12 -26.59 4.87
CA SER B 126 18.08 -25.60 5.34
C SER B 126 18.08 -25.43 6.84
N ALA B 127 19.21 -24.95 7.36
CA ALA B 127 19.30 -24.61 8.77
C ALA B 127 20.06 -23.28 8.92
N MET B 128 19.69 -22.52 9.94
CA MET B 128 20.37 -21.27 10.26
C MET B 128 20.79 -21.30 11.73
N GLY B 129 22.02 -20.87 12.01
CA GLY B 129 22.49 -20.85 13.38
C GLY B 129 23.36 -19.62 13.63
N VAL B 130 23.93 -19.52 14.82
N VAL B 130 23.92 -19.57 14.84
CA VAL B 130 24.81 -18.39 15.07
CA VAL B 130 24.77 -18.48 15.30
C VAL B 130 26.09 -18.82 15.76
C VAL B 130 26.15 -19.00 15.69
N ALA B 131 27.19 -18.27 15.30
CA ALA B 131 28.53 -18.53 15.83
C ALA B 131 29.10 -17.19 16.25
N VAL B 132 29.99 -17.20 17.25
N VAL B 132 29.98 -17.20 17.26
CA VAL B 132 30.45 -15.96 17.88
CA VAL B 132 30.45 -15.97 17.85
C VAL B 132 31.97 -15.91 18.01
C VAL B 132 31.97 -15.92 17.93
N ALA B 133 32.54 -14.73 17.73
CA ALA B 133 33.99 -14.54 17.76
C ALA B 133 34.38 -13.29 18.53
N ASP B 134 35.54 -13.33 19.17
CA ASP B 134 36.14 -12.15 19.79
C ASP B 134 36.66 -11.21 18.71
N ASN B 135 37.17 -11.79 17.63
CA ASN B 135 37.76 -11.01 16.54
C ASN B 135 37.02 -11.24 15.24
N ILE B 136 36.92 -10.19 14.44
CA ILE B 136 36.09 -10.28 13.24
C ILE B 136 36.63 -11.31 12.23
N GLU B 137 37.94 -11.54 12.23
CA GLU B 137 38.53 -12.56 11.34
C GLU B 137 38.54 -13.95 11.96
N GLY B 138 37.83 -14.11 13.08
CA GLY B 138 37.66 -15.40 13.72
C GLY B 138 38.68 -15.67 14.81
N PRO B 139 38.62 -16.87 15.41
CA PRO B 139 37.68 -17.95 15.09
C PRO B 139 36.28 -17.74 15.69
N TYR B 140 35.27 -18.11 14.92
CA TYR B 140 33.87 -18.10 15.35
C TYR B 140 33.53 -19.47 15.93
N LYS B 141 32.91 -19.48 17.11
CA LYS B 141 32.50 -20.69 17.79
C LYS B 141 30.99 -20.88 17.73
N ASN B 142 30.56 -22.07 17.34
CA ASN B 142 29.14 -22.37 17.22
C ASN B 142 28.35 -22.27 18.53
N LYS B 143 27.24 -21.54 18.50
CA LYS B 143 26.29 -21.48 19.60
C LYS B 143 25.04 -22.32 19.37
N GLY B 144 24.86 -22.79 18.14
CA GLY B 144 23.74 -23.65 17.82
C GLY B 144 22.81 -23.20 16.69
N ILE B 145 22.07 -24.17 16.14
CA ILE B 145 21.03 -23.93 15.15
C ILE B 145 19.79 -23.36 15.84
N PHE B 146 19.16 -22.37 15.22
CA PHE B 146 17.92 -21.83 15.79
C PHE B 146 16.71 -21.83 14.82
N LEU B 147 16.93 -22.13 13.55
CA LEU B 147 15.84 -22.26 12.58
C LEU B 147 16.12 -23.39 11.61
N LYS B 148 15.07 -24.10 11.23
CA LYS B 148 15.16 -25.10 10.17
C LYS B 148 14.00 -24.92 9.21
N SER B 149 14.22 -25.27 7.95
CA SER B 149 13.15 -25.36 6.97
C SER B 149 13.34 -26.65 6.19
N GLY B 150 12.28 -27.08 5.51
CA GLY B 150 12.35 -28.27 4.69
C GLY B 150 12.27 -29.58 5.46
N MET B 151 11.87 -29.51 6.72
CA MET B 151 11.53 -30.74 7.46
C MET B 151 10.31 -31.36 6.79
N GLU B 152 10.15 -32.67 6.97
CA GLU B 152 8.97 -33.35 6.45
C GLU B 152 7.74 -33.07 7.31
N GLY B 153 7.93 -32.75 8.57
CA GLY B 153 6.81 -32.58 9.48
C GLY B 153 6.66 -31.24 10.09
N THR B 154 6.59 -31.15 11.39
CA THR B 154 6.24 -29.91 12.03
C THR B 154 7.29 -28.80 11.85
N SER B 155 6.85 -27.63 11.41
CA SER B 155 7.77 -26.54 11.13
C SER B 155 8.03 -25.72 12.36
N SER B 156 8.87 -24.73 12.21
CA SER B 156 9.20 -23.84 13.32
C SER B 156 7.98 -23.09 13.86
N ASP B 157 6.90 -23.01 13.08
CA ASP B 157 5.70 -22.32 13.56
C ASP B 157 4.59 -23.26 14.08
N GLY B 158 4.90 -24.53 14.20
CA GLY B 158 3.94 -25.50 14.69
C GLY B 158 3.02 -26.16 13.70
N THR B 159 2.96 -25.67 12.49
CA THR B 159 2.19 -26.31 11.47
C THR B 159 3.11 -27.03 10.55
N PRO B 160 2.61 -27.94 9.76
CA PRO B 160 3.47 -28.70 8.86
C PRO B 160 4.23 -27.77 7.91
N TYR B 161 5.50 -28.04 7.72
CA TYR B 161 6.28 -27.21 6.82
C TYR B 161 5.67 -27.23 5.41
N ASP B 162 5.54 -26.03 4.86
CA ASP B 162 4.92 -25.84 3.55
C ASP B 162 5.66 -24.71 2.88
N ALA B 163 6.47 -25.03 1.87
CA ALA B 163 7.34 -24.04 1.24
C ALA B 163 6.59 -22.96 0.47
N THR B 164 5.30 -23.14 0.28
CA THR B 164 4.57 -22.06 -0.34
C THR B 164 4.30 -20.90 0.61
N LYS B 165 4.32 -21.16 1.92
CA LYS B 165 4.04 -20.18 2.90
C LYS B 165 5.12 -20.00 3.98
N HIS B 166 6.00 -20.93 4.10
CA HIS B 166 7.10 -20.82 5.06
C HIS B 166 8.37 -20.43 4.30
N PRO B 167 9.27 -19.76 4.96
CA PRO B 167 10.51 -19.35 4.29
C PRO B 167 11.51 -20.47 4.11
N ASN B 168 12.51 -20.25 3.27
CA ASN B 168 13.76 -20.98 3.30
C ASN B 168 14.62 -20.21 4.29
N VAL B 169 15.18 -20.90 5.29
CA VAL B 169 15.87 -20.22 6.39
C VAL B 169 17.33 -19.85 6.06
N VAL B 170 17.46 -18.96 5.09
CA VAL B 170 18.75 -18.57 4.56
C VAL B 170 18.82 -17.06 4.39
N ALA B 171 20.02 -16.57 4.14
CA ALA B 171 20.27 -15.16 3.75
C ALA B 171 19.80 -14.13 4.77
N PRO B 172 20.30 -14.24 5.97
CA PRO B 172 19.99 -13.29 7.02
C PRO B 172 20.68 -11.95 6.95
N HIS B 173 20.02 -10.96 7.54
CA HIS B 173 20.61 -9.70 7.90
C HIS B 173 20.12 -9.31 9.33
N THR B 174 21.04 -9.42 10.29
CA THR B 174 20.79 -8.97 11.67
C THR B 174 21.23 -7.56 11.88
N PHE B 175 20.28 -6.73 12.29
CA PHE B 175 20.53 -5.30 12.40
C PHE B 175 19.82 -4.66 13.59
N PHE B 176 20.41 -3.57 14.07
CA PHE B 176 19.75 -2.72 15.06
C PHE B 176 18.95 -1.64 14.36
N ASP B 177 17.74 -1.40 14.85
CA ASP B 177 16.96 -0.27 14.34
C ASP B 177 17.37 1.04 15.02
N LYS B 178 16.75 2.15 14.64
CA LYS B 178 17.17 3.45 15.17
C LYS B 178 17.00 3.57 16.68
N ASP B 179 16.16 2.72 17.27
CA ASP B 179 15.87 2.76 18.70
C ASP B 179 16.75 1.79 19.46
N GLY B 180 17.59 1.05 18.74
CA GLY B 180 18.50 0.10 19.36
C GLY B 180 17.94 -1.31 19.52
N LYS B 181 16.77 -1.56 18.94
CA LYS B 181 16.17 -2.90 19.02
C LYS B 181 16.79 -3.77 17.94
N LEU B 182 17.09 -5.03 18.29
CA LEU B 182 17.77 -5.94 17.38
C LEU B 182 16.75 -6.79 16.61
N TRP B 183 16.94 -6.87 15.30
CA TRP B 183 16.05 -7.62 14.42
C TRP B 183 16.89 -8.49 13.50
N MET B 184 16.27 -9.46 12.87
N MET B 184 16.24 -9.42 12.87
CA MET B 184 16.88 -10.19 11.76
CA MET B 184 16.83 -10.13 11.77
C MET B 184 15.85 -10.44 10.67
C MET B 184 15.84 -10.43 10.68
N VAL B 185 16.18 -9.96 9.48
CA VAL B 185 15.36 -10.23 8.31
C VAL B 185 16.05 -11.30 7.48
N TYR B 186 15.29 -12.16 6.80
CA TYR B 186 15.90 -13.27 6.06
C TYR B 186 14.94 -13.82 5.04
N GLY B 187 15.46 -14.69 4.17
CA GLY B 187 14.62 -15.47 3.27
C GLY B 187 15.14 -15.54 1.83
N SER B 188 14.66 -16.56 1.14
CA SER B 188 14.93 -16.76 -0.28
C SER B 188 13.85 -17.63 -0.88
N TYR B 189 13.16 -17.08 -1.89
CA TYR B 189 12.15 -17.83 -2.63
C TYR B 189 11.17 -18.44 -1.63
N SER B 190 10.71 -19.68 -1.87
CA SER B 190 9.78 -20.34 -0.94
C SER B 190 8.64 -19.40 -0.49
N GLY B 191 8.39 -19.35 0.81
CA GLY B 191 7.21 -18.66 1.32
C GLY B 191 7.37 -17.16 1.52
N GLY B 192 8.58 -16.66 1.29
CA GLY B 192 8.81 -15.21 1.33
C GLY B 192 9.89 -14.74 2.31
N ILE B 193 9.83 -13.44 2.60
CA ILE B 193 10.83 -12.73 3.39
C ILE B 193 10.23 -12.43 4.75
N PHE B 194 10.95 -12.80 5.80
CA PHE B 194 10.42 -12.72 7.18
C PHE B 194 11.34 -11.90 8.08
N ILE B 195 10.78 -11.39 9.17
CA ILE B 195 11.59 -10.65 10.14
C ILE B 195 11.29 -11.14 11.56
N LEU B 196 12.35 -11.28 12.35
CA LEU B 196 12.28 -11.78 13.71
C LEU B 196 12.86 -10.78 14.70
N GLU B 197 12.24 -10.67 15.87
CA GLU B 197 12.82 -9.92 16.98
C GLU B 197 13.92 -10.76 17.63
N MET B 198 15.06 -10.14 17.92
CA MET B 198 16.21 -10.87 18.47
C MET B 198 16.53 -10.53 19.92
N ASN B 199 17.19 -11.44 20.60
CA ASN B 199 17.67 -11.20 21.94
C ASN B 199 19.01 -10.52 21.87
N PRO B 200 19.10 -9.32 22.39
CA PRO B 200 20.33 -8.55 22.20
C PRO B 200 21.51 -9.06 23.05
N LYS B 201 21.23 -9.94 24.02
CA LYS B 201 22.30 -10.50 24.85
C LYS B 201 22.89 -11.80 24.27
N THR B 202 22.05 -12.59 23.60
CA THR B 202 22.46 -13.90 23.11
C THR B 202 22.59 -14.01 21.59
N GLY B 203 21.92 -13.11 20.88
CA GLY B 203 21.90 -13.14 19.43
C GLY B 203 20.86 -14.07 18.82
N PHE B 204 20.15 -14.83 19.64
CA PHE B 204 19.09 -15.71 19.13
C PHE B 204 17.74 -15.01 19.06
N PRO B 205 16.83 -15.49 18.19
CA PRO B 205 15.48 -14.92 18.18
C PRO B 205 14.79 -15.07 19.53
N LEU B 206 13.98 -14.09 19.92
CA LEU B 206 13.07 -14.30 21.05
C LEU B 206 12.17 -15.50 20.75
N PRO B 207 11.76 -16.22 21.80
CA PRO B 207 10.90 -17.40 21.62
C PRO B 207 9.47 -17.02 21.21
N GLY B 208 8.73 -17.99 20.67
CA GLY B 208 7.31 -17.80 20.43
C GLY B 208 6.94 -17.08 19.14
N GLN B 209 7.91 -16.96 18.23
CA GLN B 209 7.68 -16.22 16.99
C GLN B 209 7.52 -17.09 15.75
N GLY B 210 7.82 -18.38 15.85
CA GLY B 210 7.87 -19.25 14.69
C GLY B 210 8.90 -18.72 13.70
N TYR B 211 8.47 -18.50 12.46
CA TYR B 211 9.35 -17.94 11.44
C TYR B 211 9.39 -16.41 11.49
N GLY B 212 8.53 -15.81 12.31
CA GLY B 212 8.46 -14.36 12.39
C GLY B 212 7.35 -13.74 11.57
N LYS B 213 7.49 -12.44 11.30
CA LYS B 213 6.48 -11.68 10.57
C LYS B 213 6.85 -11.58 9.10
N LYS B 214 5.91 -11.93 8.23
CA LYS B 214 6.06 -11.81 6.80
C LYS B 214 6.07 -10.38 6.31
N LEU B 215 7.09 -10.06 5.51
CA LEU B 215 7.16 -8.73 4.88
C LEU B 215 6.72 -8.74 3.42
N LEU B 216 6.89 -9.84 2.76
CA LEU B 216 6.53 -9.97 1.36
C LEU B 216 6.78 -11.40 0.91
N GLY B 217 6.26 -11.72 -0.28
CA GLY B 217 6.51 -12.95 -0.92
C GLY B 217 5.48 -14.06 -0.67
N GLY B 218 5.77 -15.25 -1.16
CA GLY B 218 4.84 -16.36 -1.08
C GLY B 218 4.74 -17.08 -2.41
N ASN B 219 4.46 -18.38 -2.35
CA ASN B 219 4.30 -19.21 -3.55
C ASN B 219 5.50 -19.19 -4.47
N HIS B 220 6.69 -19.29 -3.87
CA HIS B 220 7.92 -19.47 -4.63
C HIS B 220 8.19 -18.33 -5.61
N SER B 221 8.07 -17.10 -5.12
CA SER B 221 8.49 -15.93 -5.88
C SER B 221 10.02 -15.85 -5.86
N ARG B 222 10.62 -15.43 -6.98
CA ARG B 222 12.07 -15.32 -7.03
C ARG B 222 12.55 -14.00 -6.42
N ILE B 223 12.48 -13.92 -5.10
CA ILE B 223 12.96 -12.78 -4.35
C ILE B 223 13.77 -13.31 -3.18
N GLU B 224 14.94 -12.74 -2.97
CA GLU B 224 15.82 -13.23 -1.90
C GLU B 224 16.81 -12.18 -1.40
N GLY B 225 17.50 -12.49 -0.31
CA GLY B 225 18.62 -11.68 0.14
C GLY B 225 18.26 -10.32 0.69
N PRO B 226 17.34 -10.28 1.64
CA PRO B 226 16.92 -8.99 2.19
C PRO B 226 18.02 -8.29 2.97
N TYR B 227 18.02 -6.96 2.92
CA TYR B 227 18.98 -6.14 3.67
C TYR B 227 18.30 -4.83 4.03
N VAL B 228 18.38 -4.43 5.30
CA VAL B 228 17.72 -3.21 5.76
C VAL B 228 18.74 -2.14 6.14
N LEU B 229 18.62 -0.97 5.53
CA LEU B 229 19.44 0.16 5.93
C LEU B 229 18.55 1.33 6.31
N TYR B 230 18.74 1.85 7.53
CA TYR B 230 18.05 3.04 7.96
C TYR B 230 18.81 4.28 7.51
N ASN B 231 18.09 5.28 7.01
CA ASN B 231 18.69 6.55 6.65
C ASN B 231 18.15 7.63 7.56
N PRO B 232 19.02 8.22 8.41
CA PRO B 232 18.54 9.19 9.40
C PRO B 232 18.12 10.51 8.78
N ASP B 233 18.54 10.77 7.55
CA ASP B 233 18.20 12.02 6.89
C ASP B 233 16.75 12.00 6.36
N THR B 234 16.28 10.83 5.93
CA THR B 234 14.90 10.69 5.48
C THR B 234 14.01 10.02 6.52
N GLN B 235 14.64 9.37 7.50
CA GLN B 235 13.92 8.66 8.57
C GLN B 235 13.08 7.47 8.06
N TYR B 236 13.56 6.85 6.99
CA TYR B 236 12.97 5.61 6.50
C TYR B 236 13.94 4.47 6.62
N TYR B 237 13.39 3.28 6.79
CA TYR B 237 14.11 2.02 6.63
C TYR B 237 13.94 1.59 5.19
N TYR B 238 15.05 1.25 4.56
CA TYR B 238 15.06 0.80 3.17
C TYR B 238 15.34 -0.70 3.16
N LEU B 239 14.41 -1.45 2.59
CA LEU B 239 14.56 -2.89 2.45
C LEU B 239 15.04 -3.19 1.03
N TYR B 240 16.29 -3.65 0.93
CA TYR B 240 16.88 -4.05 -0.36
C TYR B 240 16.61 -5.52 -0.61
N LEU B 241 16.37 -5.85 -1.87
CA LEU B 241 15.98 -7.21 -2.27
C LEU B 241 16.59 -7.54 -3.62
N SER B 242 16.83 -8.83 -3.87
CA SER B 242 17.21 -9.29 -5.19
C SER B 242 16.07 -10.06 -5.83
N TYR B 243 15.73 -9.67 -7.06
CA TYR B 243 14.67 -10.32 -7.83
C TYR B 243 15.30 -11.14 -8.93
N GLY B 244 14.66 -12.26 -9.24
CA GLY B 244 15.14 -13.12 -10.30
C GLY B 244 16.16 -14.14 -9.82
N GLY B 245 16.90 -14.67 -10.78
CA GLY B 245 17.92 -15.68 -10.49
C GLY B 245 19.34 -15.13 -10.65
N LEU B 246 20.24 -15.66 -9.85
CA LEU B 246 21.60 -15.15 -9.81
C LEU B 246 22.46 -15.48 -11.02
N ASP B 247 22.13 -16.53 -11.76
CA ASP B 247 22.99 -16.84 -12.84
C ASP B 247 22.90 -15.90 -14.05
N ALA B 248 23.78 -16.14 -14.99
CA ALA B 248 23.89 -15.21 -16.10
C ALA B 248 22.65 -15.07 -16.91
N THR B 249 21.79 -16.09 -16.91
CA THR B 249 20.53 -15.96 -17.61
C THR B 249 19.33 -15.81 -16.66
N GLY B 250 19.61 -15.51 -15.39
CA GLY B 250 18.60 -15.46 -14.35
C GLY B 250 17.87 -14.14 -14.19
N GLY B 251 18.41 -13.08 -14.76
CA GLY B 251 17.76 -11.79 -14.67
C GLY B 251 17.85 -11.05 -13.33
N TYR B 252 18.86 -11.42 -12.56
CA TYR B 252 19.03 -10.84 -11.23
C TYR B 252 19.06 -9.32 -11.30
N ASN B 253 18.38 -8.65 -10.35
CA ASN B 253 18.38 -7.23 -10.29
C ASN B 253 18.09 -6.80 -8.86
N ILE B 254 18.61 -5.64 -8.51
CA ILE B 254 18.50 -5.08 -7.16
C ILE B 254 17.32 -4.14 -7.07
N ARG B 255 16.48 -4.37 -6.06
CA ARG B 255 15.29 -3.56 -5.82
C ARG B 255 15.26 -3.04 -4.39
N VAL B 256 14.42 -2.05 -4.16
CA VAL B 256 14.30 -1.48 -2.83
C VAL B 256 12.85 -1.07 -2.55
N ALA B 257 12.48 -1.14 -1.28
CA ALA B 257 11.19 -0.65 -0.78
C ALA B 257 11.49 0.08 0.51
N ARG B 258 10.50 0.75 1.09
CA ARG B 258 10.76 1.49 2.32
C ARG B 258 9.59 1.46 3.29
N SER B 259 9.88 1.75 4.55
CA SER B 259 8.89 1.82 5.61
C SER B 259 9.38 2.75 6.72
N LYS B 260 8.44 3.37 7.44
CA LYS B 260 8.81 4.15 8.61
C LYS B 260 9.22 3.23 9.79
N LYS B 261 8.82 1.96 9.72
CA LYS B 261 9.14 0.99 10.78
C LYS B 261 10.02 -0.13 10.23
N PRO B 262 10.91 -0.67 11.07
CA PRO B 262 11.83 -1.71 10.58
C PRO B 262 11.10 -2.98 10.14
N ASP B 263 9.99 -3.31 10.79
CA ASP B 263 9.21 -4.48 10.42
C ASP B 263 8.00 -4.17 9.52
N GLY B 264 8.06 -3.04 8.80
CA GLY B 264 7.04 -2.71 7.82
C GLY B 264 5.76 -2.14 8.37
N PRO B 265 4.73 -2.06 7.54
CA PRO B 265 4.70 -2.59 6.16
C PRO B 265 5.54 -1.79 5.20
N TYR B 266 6.14 -2.48 4.24
CA TYR B 266 6.97 -1.85 3.23
C TYR B 266 6.19 -1.52 1.96
N TYR B 267 6.59 -0.43 1.31
CA TYR B 267 5.95 0.05 0.08
C TYR B 267 7.01 0.45 -0.93
N ASP B 268 6.65 0.36 -2.20
CA ASP B 268 7.53 0.88 -3.25
C ASP B 268 7.16 2.34 -3.60
N ALA B 269 7.74 2.88 -4.67
CA ALA B 269 7.57 4.26 -4.93
C ALA B 269 6.21 4.62 -5.49
N GLU B 270 5.55 3.66 -6.07
CA GLU B 270 4.23 3.99 -6.48
C GLU B 270 3.18 3.70 -5.44
N GLY B 271 3.61 3.26 -4.29
CA GLY B 271 2.70 2.91 -3.22
C GLY B 271 2.10 1.55 -3.25
N ASN B 272 2.72 0.63 -3.99
CA ASN B 272 2.29 -0.76 -3.96
C ASN B 272 2.69 -1.37 -2.62
N PRO B 273 1.77 -2.08 -1.96
CA PRO B 273 2.18 -2.80 -0.75
C PRO B 273 3.07 -3.97 -1.11
N MET B 274 4.24 -4.08 -0.48
CA MET B 274 5.10 -5.22 -0.76
C MET B 274 4.47 -6.52 -0.30
N LEU B 275 3.51 -6.43 0.63
CA LEU B 275 2.78 -7.63 1.04
C LEU B 275 1.98 -8.25 -0.12
N ASP B 276 1.73 -7.47 -1.16
CA ASP B 276 1.01 -7.98 -2.34
C ASP B 276 1.96 -8.63 -3.35
N VAL B 277 3.25 -8.68 -3.04
CA VAL B 277 4.20 -9.34 -3.91
C VAL B 277 4.17 -10.81 -3.56
N ARG B 278 3.63 -11.61 -4.46
CA ARG B 278 3.66 -13.02 -4.36
C ARG B 278 3.11 -13.75 -5.55
N GLY B 279 3.44 -15.02 -5.65
CA GLY B 279 2.89 -15.83 -6.71
C GLY B 279 1.48 -16.26 -6.37
N LYS B 280 0.74 -16.64 -7.39
CA LYS B 280 -0.58 -17.17 -7.15
C LYS B 280 -0.43 -18.60 -6.72
N GLY B 281 -1.36 -19.08 -5.92
CA GLY B 281 -1.34 -20.45 -5.54
C GLY B 281 -1.16 -21.41 -6.67
N GLY B 282 -0.32 -22.41 -6.47
CA GLY B 282 -0.10 -23.40 -7.49
C GLY B 282 0.96 -23.09 -8.47
N THR B 283 1.47 -21.86 -8.39
CA THR B 283 2.51 -21.38 -9.30
C THR B 283 3.90 -21.46 -8.66
N PHE B 284 4.88 -21.37 -9.51
CA PHE B 284 6.23 -21.53 -9.12
C PHE B 284 7.14 -20.60 -9.95
N PHE B 285 7.90 -19.76 -9.26
CA PHE B 285 8.83 -18.88 -9.94
C PHE B 285 8.15 -18.01 -11.00
N ASP B 286 6.96 -17.56 -10.67
CA ASP B 286 6.21 -16.73 -11.61
C ASP B 286 6.73 -15.29 -11.54
N ASP B 287 7.62 -14.95 -12.46
CA ASP B 287 8.21 -13.62 -12.45
C ASP B 287 7.22 -12.53 -12.82
N ARG B 288 6.22 -12.86 -13.62
CA ARG B 288 5.30 -11.81 -14.07
C ARG B 288 4.53 -11.17 -12.92
N SER B 289 4.21 -11.96 -11.90
CA SER B 289 3.45 -11.46 -10.76
C SER B 289 4.26 -10.50 -9.91
N ILE B 290 5.59 -10.62 -9.93
CA ILE B 290 6.42 -9.81 -9.05
C ILE B 290 7.07 -8.60 -9.72
N GLU B 291 7.22 -8.64 -11.04
CA GLU B 291 7.87 -7.55 -11.78
C GLU B 291 7.30 -6.16 -11.46
N PRO B 292 5.97 -6.04 -11.28
CA PRO B 292 5.44 -4.68 -11.07
C PRO B 292 5.84 -4.01 -9.75
N TYR B 293 6.42 -4.77 -8.83
CA TYR B 293 6.61 -4.31 -7.45
C TYR B 293 8.05 -4.03 -7.10
N GLY B 294 8.27 -2.92 -6.40
CA GLY B 294 9.58 -2.56 -5.92
C GLY B 294 10.28 -1.57 -6.84
N VAL B 295 11.13 -0.73 -6.26
CA VAL B 295 11.92 0.19 -7.03
C VAL B 295 13.12 -0.59 -7.56
N LYS B 296 13.30 -0.63 -8.87
CA LYS B 296 14.42 -1.36 -9.48
C LYS B 296 15.61 -0.43 -9.66
N LEU B 297 16.67 -0.65 -8.87
CA LEU B 297 17.83 0.22 -8.90
C LEU B 297 18.85 -0.12 -9.97
N MET B 298 18.96 -1.41 -10.29
CA MET B 298 20.01 -1.86 -11.18
C MET B 298 19.74 -3.27 -11.66
N GLY B 299 19.81 -3.45 -12.98
CA GLY B 299 19.84 -4.78 -13.58
C GLY B 299 20.99 -4.88 -14.58
N SER B 300 20.99 -5.90 -15.41
CA SER B 300 22.07 -6.08 -16.40
C SER B 300 22.10 -4.93 -17.40
N TYR B 301 23.29 -4.48 -17.76
CA TYR B 301 23.41 -3.34 -18.67
C TYR B 301 24.81 -3.36 -19.26
N THR B 302 24.97 -2.66 -20.38
CA THR B 302 26.30 -2.32 -20.86
C THR B 302 26.35 -0.94 -21.48
N PHE B 303 27.40 -0.20 -21.17
CA PHE B 303 27.68 1.08 -21.82
C PHE B 303 28.53 0.91 -23.08
N GLU B 304 28.95 -0.29 -23.36
CA GLU B 304 29.75 -0.55 -24.55
C GLU B 304 28.96 -0.45 -25.84
N THR B 305 29.53 0.26 -26.81
CA THR B 305 29.01 0.34 -28.15
C THR B 305 30.12 -0.06 -29.14
N GLU B 306 29.75 -0.08 -30.41
CA GLU B 306 30.66 -0.39 -31.49
C GLU B 306 31.77 0.62 -31.41
N ASN B 307 31.42 1.83 -31.07
CA ASN B 307 32.36 2.92 -31.02
C ASN B 307 33.31 3.02 -29.88
N GLU B 308 32.95 2.54 -28.61
CA GLU B 308 33.76 2.66 -27.46
C GLU B 308 33.51 1.61 -26.41
N LYS B 309 34.54 1.45 -25.69
CA LYS B 309 34.42 0.49 -24.62
C LYS B 309 33.57 1.09 -23.51
N GLY B 310 33.05 0.22 -22.65
CA GLY B 310 32.28 0.72 -21.52
C GLY B 310 32.13 -0.34 -20.46
N THR B 311 31.70 0.10 -19.29
CA THR B 311 31.39 -0.86 -18.23
C THR B 311 30.12 -1.65 -18.54
N GLY B 312 29.92 -2.74 -17.84
CA GLY B 312 28.71 -3.53 -18.03
C GLY B 312 28.66 -4.64 -17.01
N TYR B 313 27.46 -4.91 -16.50
CA TYR B 313 27.21 -5.97 -15.52
C TYR B 313 26.13 -6.92 -16.05
N VAL B 314 26.25 -8.18 -15.66
CA VAL B 314 25.22 -9.20 -15.84
C VAL B 314 24.78 -9.69 -14.45
N SER B 315 23.47 -9.70 -14.20
CA SER B 315 22.93 -10.21 -12.94
C SER B 315 23.58 -9.61 -11.67
N PRO B 316 23.61 -8.27 -11.56
CA PRO B 316 24.07 -7.70 -10.30
C PRO B 316 23.07 -7.98 -9.20
N GLY B 317 23.54 -8.31 -8.00
CA GLY B 317 22.61 -8.55 -6.94
C GLY B 317 23.18 -9.08 -5.63
N HIS B 318 22.26 -9.60 -4.82
CA HIS B 318 22.47 -9.94 -3.42
C HIS B 318 23.35 -8.95 -2.67
N ASN B 319 22.75 -7.80 -2.41
CA ASN B 319 23.50 -6.65 -1.94
C ASN B 319 23.46 -6.50 -0.43
N SER B 320 24.34 -5.64 0.04
CA SER B 320 24.17 -5.01 1.35
C SER B 320 24.29 -3.51 1.12
N ALA B 321 24.24 -2.72 2.19
CA ALA B 321 24.33 -1.28 2.06
C ALA B 321 24.91 -0.71 3.33
N TYR B 322 25.59 0.43 3.22
CA TYR B 322 26.29 1.04 4.34
C TYR B 322 26.00 2.53 4.36
N TYR B 323 25.68 3.05 5.56
CA TYR B 323 25.52 4.47 5.77
C TYR B 323 26.66 4.94 6.66
N ASP B 324 27.46 5.86 6.17
CA ASP B 324 28.60 6.37 6.93
C ASP B 324 28.19 7.56 7.78
N GLU B 325 28.20 7.40 9.07
CA GLU B 325 27.87 8.46 9.95
C GLU B 325 28.87 9.64 9.85
N LYS B 326 29.88 9.45 9.57
CA LYS B 326 30.88 10.52 9.59
C LYS B 326 30.70 11.52 8.44
N THR B 327 30.23 11.02 7.30
CA THR B 327 30.17 11.85 6.09
C THR B 327 28.75 11.97 5.55
N GLY B 328 27.86 11.10 6.01
CA GLY B 328 26.50 11.10 5.54
C GLY B 328 26.33 10.39 4.20
N ARG B 329 27.38 9.78 3.71
N ARG B 329 27.38 9.79 3.70
CA ARG B 329 27.33 9.03 2.41
CA ARG B 329 27.32 9.03 2.42
C ARG B 329 26.81 7.60 2.58
C ARG B 329 26.80 7.61 2.57
N SER B 330 26.11 7.13 1.56
CA SER B 330 25.65 5.74 1.53
C SER B 330 26.26 5.00 0.35
N TYR B 331 26.38 3.69 0.51
CA TYR B 331 26.93 2.83 -0.50
C TYR B 331 26.15 1.53 -0.65
N LEU B 332 26.15 1.07 -1.89
CA LEU B 332 25.53 -0.19 -2.27
C LEU B 332 26.67 -1.21 -2.58
N ILE B 333 26.65 -2.35 -1.93
CA ILE B 333 27.69 -3.39 -2.05
C ILE B 333 27.04 -4.69 -2.52
N PHE B 334 27.58 -5.23 -3.61
CA PHE B 334 26.91 -6.39 -4.22
C PHE B 334 27.91 -7.21 -4.99
N HIS B 335 27.51 -8.39 -5.46
CA HIS B 335 28.33 -9.09 -6.45
C HIS B 335 27.71 -8.92 -7.81
N THR B 336 28.49 -9.18 -8.84
CA THR B 336 27.93 -9.18 -10.17
C THR B 336 28.73 -10.09 -11.08
N ARG B 337 28.05 -10.58 -12.12
CA ARG B 337 28.68 -11.22 -13.25
C ARG B 337 28.89 -10.17 -14.35
N PHE B 338 29.48 -10.58 -15.47
CA PHE B 338 29.91 -9.64 -16.51
C PHE B 338 29.66 -10.16 -17.91
N PRO B 339 29.37 -9.26 -18.87
CA PRO B 339 29.21 -9.72 -20.24
C PRO B 339 30.45 -10.50 -20.68
N GLY B 340 30.23 -11.66 -21.29
CA GLY B 340 31.32 -12.43 -21.87
C GLY B 340 32.15 -13.25 -20.89
N ARG B 341 31.81 -13.17 -19.61
CA ARG B 341 32.62 -13.84 -18.58
C ARG B 341 31.89 -14.97 -17.85
N GLY B 342 30.76 -15.38 -18.41
CA GLY B 342 30.06 -16.54 -17.88
C GLY B 342 29.60 -16.32 -16.44
N GLU B 343 29.96 -17.26 -15.57
CA GLU B 343 29.52 -17.19 -14.17
C GLU B 343 30.55 -16.59 -13.22
N GLU B 344 31.63 -16.03 -13.77
CA GLU B 344 32.63 -15.33 -12.96
C GLU B 344 31.99 -14.14 -12.26
N HIS B 345 32.25 -13.98 -10.97
CA HIS B 345 31.67 -12.86 -10.23
C HIS B 345 32.70 -12.12 -9.37
N GLU B 346 32.45 -10.82 -9.17
CA GLU B 346 33.29 -9.99 -8.32
C GLU B 346 32.42 -9.05 -7.49
N VAL B 347 33.00 -8.55 -6.41
CA VAL B 347 32.36 -7.52 -5.59
C VAL B 347 32.40 -6.16 -6.29
N ARG B 348 31.29 -5.42 -6.19
CA ARG B 348 31.25 -4.02 -6.64
C ARG B 348 30.62 -3.14 -5.57
N VAL B 349 31.03 -1.88 -5.58
CA VAL B 349 30.51 -0.87 -4.65
C VAL B 349 30.10 0.31 -5.49
N HIS B 350 28.84 0.73 -5.37
CA HIS B 350 28.39 1.98 -5.99
C HIS B 350 27.84 2.91 -4.92
N GLN B 351 28.19 4.18 -5.02
CA GLN B 351 27.62 5.16 -4.10
C GLN B 351 26.12 5.35 -4.35
N LEU B 352 25.36 5.55 -3.29
CA LEU B 352 23.92 5.82 -3.37
C LEU B 352 23.64 7.26 -2.95
N PHE B 353 22.70 7.87 -3.63
CA PHE B 353 22.26 9.21 -3.31
C PHE B 353 20.72 9.34 -3.16
N MET B 354 20.25 10.09 -2.19
CA MET B 354 18.83 10.17 -2.01
C MET B 354 18.26 11.30 -2.88
N ASN B 355 17.17 10.99 -3.57
CA ASN B 355 16.48 11.95 -4.41
C ASN B 355 15.49 12.81 -3.60
N LYS B 356 14.81 13.72 -4.30
CA LYS B 356 13.98 14.67 -3.58
C LYS B 356 12.82 14.00 -2.86
N ASP B 357 12.46 12.80 -3.32
CA ASP B 357 11.34 12.06 -2.73
C ASP B 357 11.79 11.01 -1.73
N GLY B 358 13.07 10.99 -1.39
CA GLY B 358 13.57 10.07 -0.38
C GLY B 358 13.77 8.66 -0.89
N TRP B 359 14.09 8.52 -2.18
CA TRP B 359 14.45 7.23 -2.73
C TRP B 359 15.91 7.25 -3.19
N PRO B 360 16.64 6.16 -2.97
CA PRO B 360 18.04 6.15 -3.39
C PRO B 360 18.18 5.93 -4.88
N VAL B 361 19.18 6.57 -5.46
CA VAL B 361 19.62 6.29 -6.82
C VAL B 361 21.10 5.85 -6.75
N ALA B 362 21.48 4.87 -7.57
CA ALA B 362 22.88 4.41 -7.60
C ALA B 362 23.68 5.18 -8.63
N ALA B 363 24.92 5.54 -8.27
CA ALA B 363 25.84 6.07 -9.26
C ALA B 363 25.99 5.07 -10.42
N PRO B 364 26.07 5.56 -11.66
CA PRO B 364 26.23 4.58 -12.75
C PRO B 364 27.57 3.85 -12.75
N TYR B 365 28.60 4.45 -12.16
CA TYR B 365 29.93 3.82 -12.13
C TYR B 365 30.34 3.47 -10.71
N ARG B 366 31.18 2.46 -10.59
CA ARG B 366 31.62 1.98 -9.28
C ARG B 366 32.38 3.08 -8.54
N TYR B 367 32.37 2.98 -7.22
CA TYR B 367 32.92 4.02 -6.37
C TYR B 367 34.43 4.16 -6.53
N ALA B 368 34.88 5.40 -6.71
CA ALA B 368 36.30 5.68 -6.95
C ALA B 368 36.76 6.87 -6.12
N GLY B 369 35.98 7.19 -5.09
CA GLY B 369 36.32 8.31 -4.23
C GLY B 369 35.59 9.60 -4.58
N GLU B 370 34.69 9.52 -5.54
CA GLU B 370 33.89 10.68 -5.93
C GLU B 370 32.95 11.11 -4.82
N THR B 371 32.63 12.40 -4.78
CA THR B 371 31.59 12.92 -3.89
C THR B 371 30.67 13.84 -4.68
N LEU B 372 29.51 14.16 -4.11
N LEU B 372 29.48 14.03 -4.14
CA LEU B 372 28.49 14.95 -4.82
CA LEU B 372 28.59 15.03 -4.69
C LEU B 372 28.69 16.48 -4.75
C LEU B 372 29.31 16.35 -4.58
N LYS B 373 29.43 17.02 -5.71
CA LYS B 373 29.91 18.39 -5.72
C LYS B 373 28.95 19.29 -6.47
N GLU B 374 29.22 20.59 -6.41
CA GLU B 374 28.46 21.52 -7.23
C GLU B 374 28.67 21.17 -8.70
N VAL B 375 27.58 21.18 -9.46
CA VAL B 375 27.67 20.92 -10.89
C VAL B 375 27.16 22.17 -11.60
N LYS B 376 27.87 22.60 -12.62
CA LYS B 376 27.43 23.72 -13.42
C LYS B 376 26.74 23.31 -14.72
N GLN B 377 25.80 24.13 -15.16
CA GLN B 377 25.08 23.82 -16.38
C GLN B 377 26.00 23.60 -17.59
N LYS B 378 27.07 24.37 -17.68
CA LYS B 378 27.98 24.23 -18.81
C LYS B 378 28.64 22.86 -18.86
N ASP B 379 28.67 22.18 -17.72
CA ASP B 379 29.29 20.86 -17.68
C ASP B 379 28.26 19.74 -17.92
N ILE B 380 26.98 20.13 -17.99
CA ILE B 380 25.91 19.16 -18.20
C ILE B 380 25.50 19.04 -19.66
N THR B 381 25.46 20.16 -20.37
CA THR B 381 24.96 20.11 -21.74
C THR B 381 25.84 19.24 -22.65
N GLY B 382 25.18 18.48 -23.52
CA GLY B 382 25.90 17.61 -24.43
C GLY B 382 25.15 16.31 -24.68
N THR B 383 25.86 15.34 -25.23
CA THR B 383 25.26 14.07 -25.64
C THR B 383 25.53 13.02 -24.58
N TYR B 384 24.51 12.22 -24.28
CA TYR B 384 24.61 11.15 -23.27
C TYR B 384 24.20 9.80 -23.85
N LYS B 385 24.85 8.74 -23.38
CA LYS B 385 24.40 7.37 -23.55
C LYS B 385 23.48 7.08 -22.37
N LEU B 386 22.33 6.49 -22.65
CA LEU B 386 21.28 6.32 -21.66
C LEU B 386 20.95 4.84 -21.44
N ILE B 387 21.00 4.39 -20.18
CA ILE B 387 20.48 3.09 -19.78
C ILE B 387 19.18 3.28 -19.01
N GLN B 388 18.14 2.57 -19.44
CA GLN B 388 16.86 2.55 -18.73
C GLN B 388 16.71 1.16 -18.13
N HIS B 389 16.86 1.05 -16.81
CA HIS B 389 16.78 -0.28 -16.19
C HIS B 389 15.38 -0.88 -16.21
N GLY B 390 14.34 -0.06 -16.33
CA GLY B 390 12.98 -0.57 -16.46
C GLY B 390 12.42 -1.26 -15.22
N LYS B 391 11.54 -2.24 -15.42
CA LYS B 391 10.89 -2.92 -14.30
C LYS B 391 10.85 -4.43 -14.47
N ASP B 392 11.50 -4.93 -15.50
CA ASP B 392 11.41 -6.35 -15.78
C ASP B 392 12.41 -7.21 -15.01
N ILE B 393 12.15 -8.51 -15.02
CA ILE B 393 13.15 -9.50 -14.68
C ILE B 393 13.51 -10.11 -16.02
N SER B 394 14.71 -9.83 -16.50
CA SER B 394 15.12 -10.22 -17.84
C SER B 394 16.62 -10.53 -17.91
N ALA B 395 16.97 -11.56 -18.69
CA ALA B 395 18.37 -11.89 -18.91
C ALA B 395 18.99 -11.00 -19.99
N ASP B 396 18.16 -10.20 -20.66
CA ASP B 396 18.67 -9.34 -21.72
C ASP B 396 19.55 -8.27 -21.09
N ILE B 397 20.72 -8.06 -21.67
N ILE B 397 20.73 -8.09 -21.65
CA ILE B 397 21.57 -6.98 -21.22
CA ILE B 397 21.53 -7.00 -21.16
C ILE B 397 21.04 -5.69 -21.85
C ILE B 397 21.11 -5.69 -21.82
N LYS B 398 20.75 -4.70 -21.02
CA LYS B 398 20.24 -3.43 -21.56
C LYS B 398 21.33 -2.68 -22.32
N GLN B 399 20.96 -2.13 -23.47
CA GLN B 399 21.89 -1.39 -24.30
C GLN B 399 21.52 0.09 -24.27
N THR B 400 22.46 0.95 -24.60
CA THR B 400 22.25 2.39 -24.54
C THR B 400 21.56 2.97 -25.76
N ILE B 401 20.83 4.06 -25.54
CA ILE B 401 20.40 4.92 -26.63
C ILE B 401 21.00 6.29 -26.38
N ASN B 402 21.01 7.14 -27.41
CA ASN B 402 21.66 8.44 -27.31
C ASN B 402 20.66 9.57 -27.19
N ILE B 403 20.90 10.47 -26.24
CA ILE B 403 20.12 11.70 -26.11
C ILE B 403 21.02 12.93 -25.99
N GLN B 404 20.43 14.10 -26.20
CA GLN B 404 21.14 15.34 -25.94
C GLN B 404 20.43 16.12 -24.90
N LEU B 405 21.20 16.65 -23.96
CA LEU B 405 20.72 17.65 -23.02
C LEU B 405 21.15 19.04 -23.53
N ASN B 406 20.19 19.79 -24.03
CA ASN B 406 20.49 21.01 -24.78
C ASN B 406 20.56 22.24 -23.87
N LYS B 407 21.23 23.28 -24.33
CA LYS B 407 21.37 24.50 -23.53
C LYS B 407 20.03 25.11 -23.17
N ASN B 408 19.01 24.93 -24.01
CA ASN B 408 17.69 25.50 -23.77
C ASN B 408 16.81 24.61 -22.90
N HIS B 409 17.44 23.64 -22.23
CA HIS B 409 16.79 22.76 -21.27
C HIS B 409 15.83 21.74 -21.87
N THR B 410 15.87 21.58 -23.19
CA THR B 410 15.15 20.49 -23.82
C THR B 410 16.05 19.26 -23.87
N ILE B 411 15.41 18.09 -23.98
CA ILE B 411 16.12 16.86 -24.29
C ILE B 411 15.68 16.42 -25.68
N SER B 412 16.64 16.10 -26.53
CA SER B 412 16.36 15.60 -27.87
C SER B 412 17.15 14.33 -28.14
N GLY B 413 17.02 13.79 -29.35
CA GLY B 413 17.76 12.59 -29.70
C GLY B 413 16.84 11.39 -29.82
N GLU B 414 17.21 10.28 -29.22
CA GLU B 414 16.37 9.09 -29.28
C GLU B 414 15.19 9.18 -28.34
N MET B 415 15.18 10.17 -27.47
CA MET B 415 14.03 10.52 -26.67
C MET B 415 13.84 12.03 -26.58
N THR B 416 12.62 12.46 -26.26
N THR B 416 12.63 12.45 -26.24
CA THR B 416 12.32 13.87 -26.11
CA THR B 416 12.30 13.88 -26.14
C THR B 416 11.95 14.14 -24.67
C THR B 416 11.81 14.21 -24.74
N GLY B 417 12.26 15.34 -24.20
CA GLY B 417 11.91 15.73 -22.85
C GLY B 417 12.52 17.06 -22.46
N THR B 418 12.81 17.18 -21.17
CA THR B 418 13.41 18.39 -20.64
C THR B 418 14.34 18.02 -19.49
N TRP B 419 15.25 18.94 -19.16
CA TRP B 419 16.14 18.77 -18.02
C TRP B 419 16.31 20.08 -17.27
N ARG B 420 16.48 19.96 -15.96
CA ARG B 420 16.75 21.08 -15.09
C ARG B 420 17.67 20.61 -13.98
N LYS B 421 18.39 21.55 -13.41
CA LYS B 421 19.15 21.28 -12.19
C LYS B 421 18.49 21.99 -11.02
N THR B 422 18.36 21.28 -9.91
CA THR B 422 17.82 21.86 -8.69
C THR B 422 19.00 22.03 -7.75
N GLY B 423 19.14 23.22 -7.17
CA GLY B 423 20.19 23.42 -6.19
C GLY B 423 21.58 23.08 -6.69
N LYS B 424 22.36 22.43 -5.82
CA LYS B 424 23.77 22.13 -6.06
C LYS B 424 24.00 21.12 -7.18
N ASN B 425 23.23 20.04 -7.21
CA ASN B 425 23.52 18.93 -8.10
C ASN B 425 22.32 18.01 -8.33
N THR B 426 21.12 18.50 -8.06
CA THR B 426 19.94 17.65 -8.23
C THR B 426 19.48 17.65 -9.69
N ALA B 427 19.20 16.47 -10.21
CA ALA B 427 18.72 16.31 -11.57
C ALA B 427 17.20 16.14 -11.63
N ASP B 428 16.55 16.96 -12.43
CA ASP B 428 15.11 16.93 -12.63
C ASP B 428 14.90 16.80 -14.12
N ILE B 429 14.60 15.59 -14.55
CA ILE B 429 14.60 15.16 -15.92
C ILE B 429 13.24 14.58 -16.32
N THR B 430 12.67 15.07 -17.40
N THR B 430 12.66 15.11 -17.38
CA THR B 430 11.46 14.48 -17.94
CA THR B 430 11.47 14.48 -17.96
C THR B 430 11.73 13.84 -19.29
C THR B 430 11.87 13.77 -19.24
N LEU B 431 11.33 12.58 -19.44
CA LEU B 431 11.51 11.84 -20.68
C LEU B 431 10.16 11.30 -21.09
N ALA B 432 9.72 11.67 -22.30
CA ALA B 432 8.46 11.19 -22.84
C ALA B 432 7.34 11.29 -21.80
N GLY B 433 7.26 12.45 -21.15
CA GLY B 433 6.13 12.74 -20.26
C GLY B 433 6.27 12.22 -18.86
N LYS B 434 7.34 11.50 -18.56
CA LYS B 434 7.57 10.99 -17.22
C LYS B 434 8.66 11.78 -16.48
N LYS B 435 8.41 12.13 -15.23
CA LYS B 435 9.28 12.94 -14.41
C LYS B 435 10.22 12.06 -13.55
N TYR B 436 11.48 12.37 -13.63
CA TYR B 436 12.50 11.58 -12.90
C TYR B 436 13.28 12.56 -12.02
N ASN B 437 13.73 12.11 -10.87
CA ASN B 437 14.53 12.94 -9.98
C ASN B 437 15.73 12.16 -9.47
N GLY B 438 16.88 12.83 -9.40
CA GLY B 438 18.08 12.19 -8.87
C GLY B 438 19.23 13.18 -8.83
N VAL B 439 20.40 12.76 -9.26
CA VAL B 439 21.59 13.60 -9.20
C VAL B 439 22.38 13.66 -10.50
N PHE B 440 23.07 14.79 -10.66
CA PHE B 440 24.19 14.93 -11.58
C PHE B 440 25.47 14.70 -10.79
N LEU B 441 26.39 13.95 -11.39
CA LEU B 441 27.59 13.52 -10.72
C LEU B 441 28.76 13.28 -11.65
N ARG B 442 29.86 13.99 -11.45
N ARG B 442 29.87 13.97 -11.45
CA ARG B 442 31.07 13.67 -12.19
CA ARG B 442 31.07 13.65 -12.17
C ARG B 442 31.72 12.51 -11.49
C ARG B 442 31.72 12.47 -11.47
N GLN B 443 32.03 11.48 -12.25
N GLN B 443 32.02 11.46 -12.26
CA GLN B 443 32.74 10.39 -11.67
CA GLN B 443 32.57 10.19 -11.76
C GLN B 443 33.75 9.71 -12.58
C GLN B 443 33.75 9.72 -12.57
N TRP B 444 34.24 8.55 -12.21
CA TRP B 444 35.32 7.89 -12.94
C TRP B 444 34.79 6.68 -13.69
N ASP B 445 35.13 6.58 -14.96
CA ASP B 445 34.85 5.40 -15.76
C ASP B 445 36.13 4.57 -15.78
N SER B 446 36.12 3.44 -15.09
CA SER B 446 37.34 2.66 -14.90
C SER B 446 37.73 1.80 -16.10
N VAL B 447 36.84 1.70 -17.08
CA VAL B 447 37.15 0.97 -18.30
C VAL B 447 37.79 1.89 -19.33
N ARG B 448 37.23 3.07 -19.52
CA ARG B 448 37.83 4.05 -20.42
C ARG B 448 38.93 4.87 -19.75
N GLU B 449 38.98 4.80 -18.42
CA GLU B 449 39.95 5.52 -17.62
C GLU B 449 39.88 7.03 -17.88
N LYS B 450 38.68 7.56 -17.71
CA LYS B 450 38.38 8.97 -17.91
C LYS B 450 37.33 9.39 -16.90
N ASN B 451 37.33 10.68 -16.54
CA ASN B 451 36.19 11.25 -15.85
C ASN B 451 34.99 11.32 -16.80
N VAL B 452 33.80 11.25 -16.23
CA VAL B 452 32.58 11.28 -17.01
C VAL B 452 31.51 12.00 -16.20
N MET B 453 30.79 12.92 -16.84
CA MET B 453 29.60 13.47 -16.22
C MET B 453 28.45 12.48 -16.37
N THR B 454 27.73 12.26 -15.28
CA THR B 454 26.62 11.32 -15.27
C THR B 454 25.38 11.93 -14.66
N PHE B 455 24.25 11.30 -14.90
CA PHE B 455 23.09 11.48 -14.03
C PHE B 455 22.47 10.14 -13.70
N SER B 456 21.84 10.07 -12.55
CA SER B 456 21.13 8.89 -12.12
C SER B 456 19.85 9.36 -11.49
N VAL B 457 18.72 8.94 -12.05
CA VAL B 457 17.42 9.45 -11.66
C VAL B 457 16.39 8.34 -11.58
N LEU B 458 15.29 8.61 -10.87
CA LEU B 458 14.24 7.64 -10.65
C LEU B 458 12.87 8.35 -10.83
N ASN B 459 11.94 7.66 -11.43
CA ASN B 459 10.56 8.15 -11.52
C ASN B 459 9.67 7.52 -10.45
N THR B 460 8.39 7.85 -10.43
CA THR B 460 7.46 7.24 -9.43
C THR B 460 7.16 5.77 -9.68
N SER B 461 7.30 5.27 -10.86
CA SER B 461 7.07 3.90 -11.06
C SER B 461 8.27 3.06 -10.53
N GLY B 462 9.21 3.75 -9.92
CA GLY B 462 10.45 3.10 -9.53
C GLY B 462 11.35 2.64 -10.67
N GLU B 463 11.30 3.38 -11.76
CA GLU B 463 12.17 3.09 -12.90
C GLU B 463 13.41 3.99 -12.84
N ALA B 464 14.57 3.37 -12.96
CA ALA B 464 15.86 4.06 -12.86
C ALA B 464 16.45 4.31 -14.23
N VAL B 465 17.00 5.50 -14.42
CA VAL B 465 17.67 5.87 -15.67
C VAL B 465 19.04 6.44 -15.37
N TRP B 466 20.04 5.96 -16.09
CA TRP B 466 21.41 6.42 -15.97
C TRP B 466 21.84 7.07 -17.28
N GLY B 467 22.49 8.23 -17.16
CA GLY B 467 23.09 8.88 -18.30
C GLY B 467 24.59 9.02 -18.11
N SER B 468 25.33 8.78 -19.19
CA SER B 468 26.79 8.87 -19.19
C SER B 468 27.22 9.75 -20.37
N LYS B 469 27.93 10.84 -20.09
CA LYS B 469 28.20 11.83 -21.14
C LYS B 469 29.28 11.36 -22.12
N LEU B 470 29.05 11.59 -23.41
CA LEU B 470 30.00 11.18 -24.44
C LEU B 470 31.10 12.23 -24.66
O5 AHR C . -14.03 -14.76 -2.31
C5 AHR C . -14.35 -16.04 -2.09
C4 AHR C . -13.24 -16.85 -2.73
O4 AHR C . -13.41 -16.85 -4.16
C3 AHR C . -13.24 -18.31 -2.29
O3 AHR C . -12.07 -18.58 -1.50
C2 AHR C . -13.19 -19.13 -3.57
O2 AHR C . -14.37 -19.92 -3.68
C1 AHR C . -13.12 -18.13 -4.71
O1 AHR C . -11.80 -18.09 -5.24
O5 AHR C . -18.24 -12.02 -1.50
C5 AHR C . -17.91 -12.30 -2.75
C4 AHR C . -16.42 -12.62 -2.88
O4 AHR C . -16.13 -13.81 -2.16
C3 AHR C . -15.51 -11.56 -2.27
O3 AHR C . -15.20 -10.47 -3.17
C2 AHR C . -14.28 -12.37 -1.92
O2 AHR C . -13.57 -11.78 -0.82
C1 AHR C . -14.80 -13.77 -1.64
O5 AHR C . -21.33 -7.52 -0.12
O5 AHR C . -20.73 -7.25 -1.83
C5 AHR C . -21.25 -8.36 -1.21
C4 AHR C . -20.30 -9.43 -0.69
O4 AHR C . -19.74 -10.22 -1.74
C3 AHR C . -20.95 -10.41 0.27
O3 AHR C . -20.99 -9.89 1.61
C2 AHR C . -20.03 -11.62 0.14
O2 AHR C . -20.71 -12.84 0.45
C1 AHR C . -19.59 -11.58 -1.32
O5 AHR D . 11.48 -25.17 -3.80
C5 AHR D . 11.58 -26.25 -4.59
C4 AHR D . 10.51 -27.12 -3.93
O4 AHR D . 11.06 -27.85 -2.83
C3 AHR D . 9.92 -28.15 -4.88
O3 AHR D . 8.54 -27.84 -5.12
C2 AHR D . 10.02 -29.48 -4.18
O2 AHR D . 10.95 -30.33 -4.86
C1 AHR D . 10.51 -29.17 -2.79
O1 AHR D . 9.40 -29.17 -1.89
O5 AHR D . 15.85 -22.67 -4.67
C5 AHR D . 15.82 -23.51 -3.64
C4 AHR D . 14.36 -23.71 -3.23
O4 AHR D . 13.66 -24.48 -4.22
C3 AHR D . 13.54 -22.43 -3.07
O3 AHR D . 13.67 -21.84 -1.77
C2 AHR D . 12.12 -22.92 -3.29
O2 AHR D . 11.28 -21.87 -3.80
C1 AHR D . 12.28 -24.09 -4.25
O5 AHR D . 19.22 -18.92 -3.34
O5 AHR D . 19.28 -18.26 -4.94
C5 AHR D . 19.38 -19.50 -4.38
C4 AHR D . 18.14 -20.17 -4.98
O4 AHR D . 17.69 -21.27 -4.18
C3 AHR D . 18.37 -20.77 -6.36
O3 AHR D . 18.28 -19.79 -7.40
C2 AHR D . 17.26 -21.80 -6.43
O2 AHR D . 17.52 -22.87 -7.36
C1 AHR D . 17.20 -22.33 -5.01
CL CL E . -35.67 6.55 10.97
C1 GOL F . -20.31 12.83 -7.68
O1 GOL F . -18.91 12.69 -7.62
C2 GOL F . -20.78 12.22 -9.00
O2 GOL F . -20.32 10.90 -9.10
C3 GOL F . -22.31 12.26 -8.99
O3 GOL F . -22.84 11.55 -10.07
C1 GOL G . -38.39 1.73 12.45
O1 GOL G . -38.44 0.44 11.86
C2 GOL G . -36.95 2.24 12.71
O2 GOL G . -36.20 1.53 13.64
C3 GOL G . -36.93 3.69 13.17
O3 GOL G . -35.67 4.20 12.93
C1 GOL H . 2.36 -14.58 -16.03
O1 GOL H . 2.58 -15.80 -15.38
C2 GOL H . 1.10 -14.67 -16.89
O2 GOL H . 0.89 -15.99 -17.21
C3 GOL H . -0.18 -13.89 -16.59
O3 GOL H . -1.27 -14.79 -16.46
C TRS I . -12.52 -1.93 -24.48
C1 TRS I . -12.71 -0.76 -23.58
C2 TRS I . -11.61 -2.98 -23.83
C3 TRS I . -11.91 -1.40 -25.77
N TRS I . -13.81 -2.52 -24.71
O1 TRS I . -11.92 -1.05 -22.52
O2 TRS I . -10.38 -2.49 -23.57
O3 TRS I . -12.03 0.01 -25.63
CA CA J . 22.72 -10.95 2.62
CL CL K . 33.12 -2.11 -13.50
C1 GOL L . 26.28 -4.52 10.14
O1 GOL L . 26.93 -5.53 10.84
C2 GOL L . 24.87 -4.29 10.67
O2 GOL L . 24.07 -5.41 10.37
C3 GOL L . 24.29 -3.07 9.96
O3 GOL L . 22.90 -2.99 10.21
NA NA M . 23.29 8.95 2.44
CL CL N . 13.92 25.50 -12.78
P PO4 O . 35.65 6.06 3.05
O1 PO4 O . 35.52 5.33 4.37
O2 PO4 O . 34.73 5.43 2.04
O3 PO4 O . 35.28 7.51 3.24
O4 PO4 O . 37.08 5.97 2.56
C1 GOL P . 18.00 -13.41 27.68
O1 GOL P . 19.29 -13.11 27.95
C2 GOL P . 17.95 -14.69 28.39
O2 GOL P . 16.65 -15.13 28.37
C3 GOL P . 18.52 -14.30 29.75
O3 GOL P . 17.87 -14.78 30.86
NA NA Q . 22.68 -34.63 12.52
C1 GOL R . 34.52 -5.96 -17.59
O1 GOL R . 34.57 -7.35 -17.61
C2 GOL R . 33.20 -5.43 -17.03
O2 GOL R . 32.14 -5.69 -17.90
C3 GOL R . 33.34 -3.93 -16.77
O3 GOL R . 32.27 -3.36 -16.06
C1 MPD S . 38.74 10.35 -9.73
C2 MPD S . 38.40 11.40 -8.68
O2 MPD S . 37.90 10.74 -7.49
CM MPD S . 39.65 12.18 -8.30
C3 MPD S . 37.34 12.35 -9.21
C4 MPD S . 36.36 11.64 -10.15
O4 MPD S . 35.49 10.83 -9.39
C5 MPD S . 35.55 12.66 -10.92
#